data_2D2N
#
_entry.id   2D2N
#
_cell.length_a   111.745
_cell.length_b   111.745
_cell.length_c   276.707
_cell.angle_alpha   90.00
_cell.angle_beta   90.00
_cell.angle_gamma   120.00
#
_symmetry.space_group_name_H-M   'H 3 2'
#
loop_
_entity.id
_entity.type
_entity.pdbx_description
1 polymer 'Giant hemoglobin, A1(b) globin chain'
2 polymer 'Giant hemoglobin, A2(a5) globin chain'
3 polymer 'Giant hemoglobin, B2(c) globin chain'
4 polymer 'Giant hemoglobin, B1(d) globin chain'
5 non-polymer 'PROTOPORPHYRIN IX CONTAINING FE'
6 non-polymer 'OXYGEN MOLECULE'
7 non-polymer 'METHYL MERCURY ION'
#
loop_
_entity_poly.entity_id
_entity_poly.type
_entity_poly.pdbx_seq_one_letter_code
_entity_poly.pdbx_strand_id
1 'polypeptide(L)'
;VCNRLEQILVKTQWAQSYGEAENRAAFSRDLFSELFNIQGSSRALFSGVGVDDMNSAAFTAHCLRVTGALNRLISQLDQQ
ATINADLAHLAGQHASRNLDASNFAAMGQAVMSVVPTHLDCFNQHAWGECYERIASGISG
;
A
2 'polypeptide(L)'
;DCTSLNRLLVKRQWAEAYGEGTNRELLGNRIWEDLFANMPDARGLFSRVNGNDIDSSEFQAHSLRVLGGLDMCVASLDDV
PVLNALLARLNSQHDSRGIPAAGYPAFVASAISAVRATVGARSFDNDAWNSCMNQIVSGISG
;
B
3 'polypeptide(L)'
;SSCCSSEDRANVMHNWDAAWSAAYSDRRVALAQAVFASLFSRDAAAQGLFSGVSADNPDSADFRAHCVRVVNGLDVAINM
LNDPAVLNEQLAHLSAQHQARAGVAAAHFDVMAEAFAEVMPQVSSCFSSDSWNRCFARIANGISAGL
;
C
4 'polypeptide(L)'
;ECCSRGDAEVVISEWDQVFNAAMAGSSESAVGVAIFDAFFASSGVSPSMFPGGGDSNNPEFLAQVSRVVSGADIAINSLT
NRATCDSLLSHLNAQHRAISGVTGAAVTHLSQAISSVVAQVLPSAHIDAWEYCMAYIAAGIGAGL
;
D
#
loop_
_chem_comp.id
_chem_comp.type
_chem_comp.name
_chem_comp.formula
HEM non-polymer 'PROTOPORPHYRIN IX CONTAINING FE' 'C34 H32 Fe N4 O4'
MMC non-polymer 'METHYL MERCURY ION' 'C H3 Hg 1'
OXY non-polymer 'OXYGEN MOLECULE' O2
#
# COMPACT_ATOMS: atom_id res chain seq x y z
N VAL A 1 -7.07 -13.26 15.56
CA VAL A 1 -5.82 -13.47 16.36
C VAL A 1 -4.83 -12.37 16.02
N CYS A 2 -4.50 -12.29 14.73
CA CYS A 2 -3.56 -11.33 14.14
C CYS A 2 -4.31 -10.03 13.95
N ASN A 3 -4.13 -9.08 14.87
CA ASN A 3 -4.87 -7.82 14.80
C ASN A 3 -4.54 -6.82 13.69
N ARG A 4 -5.26 -5.69 13.70
CA ARG A 4 -5.12 -4.61 12.73
C ARG A 4 -3.71 -4.06 12.62
N LEU A 5 -3.09 -3.85 13.77
CA LEU A 5 -1.76 -3.30 13.83
C LEU A 5 -0.70 -4.41 13.68
N GLU A 6 -0.89 -5.53 14.37
CA GLU A 6 0.05 -6.65 14.27
C GLU A 6 0.13 -7.09 12.82
N GLN A 7 -0.88 -6.74 12.04
CA GLN A 7 -0.89 -7.10 10.63
C GLN A 7 0.12 -6.24 9.90
N ILE A 8 0.09 -4.96 10.21
CA ILE A 8 0.99 -3.98 9.59
C ILE A 8 2.42 -4.47 9.70
N LEU A 9 2.94 -4.46 10.93
CA LEU A 9 4.29 -4.88 11.20
C LEU A 9 4.64 -5.99 10.26
N VAL A 10 3.89 -7.07 10.33
CA VAL A 10 4.17 -8.20 9.49
C VAL A 10 4.18 -7.88 7.99
N LYS A 11 3.05 -7.41 7.47
CA LYS A 11 2.97 -7.09 6.06
C LYS A 11 4.25 -6.43 5.57
N THR A 12 4.73 -5.41 6.29
CA THR A 12 5.94 -4.72 5.86
C THR A 12 7.17 -5.61 6.01
N GLN A 13 7.37 -6.15 7.22
CA GLN A 13 8.53 -7.01 7.46
C GLN A 13 8.65 -8.20 6.53
N TRP A 14 7.53 -8.68 6.03
CA TRP A 14 7.60 -9.78 5.11
C TRP A 14 8.10 -9.24 3.81
N ALA A 15 7.53 -8.14 3.34
CA ALA A 15 8.01 -7.58 2.09
C ALA A 15 9.50 -7.23 2.32
N GLN A 16 9.76 -6.50 3.41
CA GLN A 16 11.11 -6.09 3.82
C GLN A 16 12.09 -7.23 3.80
N SER A 17 11.59 -8.45 3.80
CA SER A 17 12.43 -9.65 3.83
C SER A 17 12.30 -10.47 2.58
N TYR A 18 11.18 -11.16 2.45
CA TYR A 18 10.93 -11.95 1.27
C TYR A 18 10.94 -11.00 0.07
N GLY A 19 10.43 -9.79 0.30
CA GLY A 19 10.41 -8.82 -0.76
C GLY A 19 11.83 -8.52 -1.21
N GLU A 20 12.51 -7.67 -0.43
CA GLU A 20 13.89 -7.24 -0.74
C GLU A 20 14.88 -8.34 -1.12
N ALA A 21 14.90 -9.42 -0.35
CA ALA A 21 15.80 -10.54 -0.59
C ALA A 21 16.12 -10.71 -2.06
N GLU A 22 17.26 -11.35 -2.35
CA GLU A 22 17.76 -11.60 -3.70
C GLU A 22 16.82 -12.46 -4.56
N ASN A 23 17.13 -13.74 -4.73
CA ASN A 23 16.30 -14.64 -5.53
C ASN A 23 15.42 -15.50 -4.64
N ARG A 24 14.12 -15.21 -4.66
CA ARG A 24 13.18 -15.94 -3.83
C ARG A 24 13.50 -17.42 -3.77
N ALA A 25 13.70 -18.04 -4.93
CA ALA A 25 14.00 -19.47 -4.97
C ALA A 25 14.99 -19.88 -3.88
N ALA A 26 15.96 -19.04 -3.55
CA ALA A 26 16.90 -19.39 -2.51
C ALA A 26 16.00 -19.40 -1.29
N PHE A 27 15.68 -18.21 -0.81
CA PHE A 27 14.78 -18.03 0.32
C PHE A 27 13.73 -19.17 0.46
N SER A 28 13.05 -19.47 -0.64
CA SER A 28 12.06 -20.53 -0.64
C SER A 28 12.66 -21.88 -0.28
N ARG A 29 13.69 -22.32 -0.98
CA ARG A 29 14.31 -23.58 -0.61
C ARG A 29 14.73 -23.40 0.83
N ASP A 30 15.46 -22.32 1.09
CA ASP A 30 15.93 -22.00 2.43
C ASP A 30 14.93 -22.35 3.51
N LEU A 31 13.67 -21.93 3.31
CA LEU A 31 12.58 -22.20 4.25
C LEU A 31 12.38 -23.70 4.41
N PHE A 32 11.96 -24.36 3.35
CA PHE A 32 11.74 -25.80 3.44
C PHE A 32 12.94 -26.50 4.01
N SER A 33 14.12 -25.95 3.77
CA SER A 33 15.31 -26.55 4.33
C SER A 33 14.98 -26.76 5.80
N GLU A 34 14.74 -25.67 6.52
CA GLU A 34 14.41 -25.75 7.95
C GLU A 34 13.29 -26.73 8.28
N LEU A 35 12.11 -26.49 7.73
CA LEU A 35 10.99 -27.36 8.00
C LEU A 35 11.49 -28.78 8.17
N PHE A 36 12.42 -29.17 7.32
CA PHE A 36 13.00 -30.49 7.39
C PHE A 36 13.96 -30.58 8.57
N ASN A 37 14.82 -29.59 8.69
CA ASN A 37 15.78 -29.58 9.78
C ASN A 37 15.20 -29.44 11.15
N ILE A 38 13.91 -29.11 11.26
CA ILE A 38 13.28 -28.96 12.57
C ILE A 38 12.19 -30.01 12.76
N GLN A 39 12.04 -30.86 11.74
CA GLN A 39 11.06 -31.94 11.77
C GLN A 39 11.24 -32.83 10.53
N GLY A 40 12.22 -33.74 10.60
CA GLY A 40 12.54 -34.63 9.49
C GLY A 40 11.35 -35.42 9.00
N SER A 41 10.49 -35.78 9.95
CA SER A 41 9.30 -36.57 9.65
C SER A 41 8.56 -36.05 8.41
N SER A 42 8.64 -34.74 8.21
CA SER A 42 7.97 -34.08 7.10
C SER A 42 8.68 -34.22 5.76
N ARG A 43 10.00 -34.21 5.80
CA ARG A 43 10.79 -34.29 4.58
C ARG A 43 10.23 -35.32 3.62
N ALA A 44 9.91 -36.50 4.12
CA ALA A 44 9.35 -37.52 3.25
C ALA A 44 7.91 -37.14 2.87
N LEU A 45 7.28 -36.31 3.69
CA LEU A 45 5.90 -35.90 3.48
C LEU A 45 5.64 -35.14 2.16
N PHE A 46 6.70 -34.84 1.42
CA PHE A 46 6.57 -34.13 0.15
C PHE A 46 7.15 -35.01 -0.93
N SER A 47 7.01 -36.32 -0.77
CA SER A 47 7.57 -37.29 -1.72
C SER A 47 7.12 -37.10 -3.17
N GLY A 48 5.97 -36.49 -3.38
CA GLY A 48 5.49 -36.28 -4.74
C GLY A 48 6.15 -35.15 -5.51
N VAL A 49 6.92 -34.30 -4.84
CA VAL A 49 7.55 -33.15 -5.49
C VAL A 49 9.10 -33.10 -5.50
N GLY A 50 9.72 -34.17 -5.96
CA GLY A 50 11.17 -34.24 -6.03
C GLY A 50 11.92 -33.84 -4.78
N VAL A 51 11.28 -33.99 -3.62
CA VAL A 51 11.93 -33.64 -2.36
C VAL A 51 13.30 -34.29 -2.19
N ASP A 52 13.56 -35.33 -2.96
CA ASP A 52 14.85 -36.03 -2.89
C ASP A 52 15.93 -35.00 -3.11
N ASP A 53 15.79 -34.24 -4.18
CA ASP A 53 16.78 -33.23 -4.53
C ASP A 53 16.24 -31.81 -4.39
N MET A 54 16.66 -31.14 -3.32
CA MET A 54 16.21 -29.79 -3.00
C MET A 54 16.67 -28.70 -3.98
N ASN A 55 17.54 -29.04 -4.92
CA ASN A 55 18.03 -28.08 -5.89
C ASN A 55 17.49 -28.39 -7.29
N SER A 56 16.41 -29.15 -7.33
CA SER A 56 15.81 -29.52 -8.60
C SER A 56 14.82 -28.51 -9.12
N ALA A 57 14.51 -28.64 -10.39
CA ALA A 57 13.55 -27.73 -10.98
C ALA A 57 12.27 -28.05 -10.25
N ALA A 58 11.93 -29.33 -10.26
CA ALA A 58 10.71 -29.80 -9.63
C ALA A 58 10.54 -29.30 -8.20
N PHE A 59 11.55 -29.50 -7.36
CA PHE A 59 11.43 -29.09 -5.95
C PHE A 59 11.27 -27.61 -5.75
N THR A 60 12.25 -26.83 -6.21
CA THR A 60 12.21 -25.38 -6.04
C THR A 60 10.91 -24.81 -6.55
N ALA A 61 10.43 -25.39 -7.64
CA ALA A 61 9.19 -24.94 -8.22
C ALA A 61 8.09 -25.01 -7.13
N HIS A 62 8.22 -25.94 -6.18
CA HIS A 62 7.22 -26.06 -5.11
C HIS A 62 7.41 -24.97 -4.05
N CYS A 63 8.58 -24.98 -3.40
CA CYS A 63 8.88 -24.00 -2.36
C CYS A 63 8.36 -22.62 -2.75
N LEU A 64 8.45 -22.30 -4.02
CA LEU A 64 7.97 -21.03 -4.52
C LEU A 64 6.46 -20.95 -4.27
N ARG A 65 5.71 -21.81 -4.93
CA ARG A 65 4.26 -21.84 -4.77
C ARG A 65 3.86 -21.53 -3.33
N VAL A 66 4.67 -22.00 -2.40
CA VAL A 66 4.40 -21.79 -0.98
C VAL A 66 4.75 -20.40 -0.54
N THR A 67 6.03 -20.04 -0.56
CA THR A 67 6.39 -18.68 -0.15
C THR A 67 5.55 -17.75 -1.02
N GLY A 68 5.07 -18.30 -2.13
CA GLY A 68 4.26 -17.51 -3.03
C GLY A 68 2.87 -17.37 -2.45
N ALA A 69 2.19 -18.50 -2.28
CA ALA A 69 0.86 -18.47 -1.72
C ALA A 69 1.01 -17.77 -0.38
N LEU A 70 2.04 -18.14 0.36
CA LEU A 70 2.28 -17.55 1.65
C LEU A 70 2.28 -16.03 1.51
N ASN A 71 2.52 -15.56 0.29
CA ASN A 71 2.56 -14.13 -0.01
C ASN A 71 1.12 -13.67 -0.29
N ARG A 72 0.43 -14.36 -1.21
CA ARG A 72 -0.94 -14.00 -1.57
C ARG A 72 -1.89 -14.00 -0.37
N LEU A 73 -1.34 -14.29 0.81
CA LEU A 73 -2.12 -14.35 2.05
C LEU A 73 -1.80 -13.16 2.94
N ILE A 74 -0.52 -12.90 3.18
CA ILE A 74 -0.13 -11.79 4.03
C ILE A 74 -0.66 -10.49 3.46
N SER A 75 -0.76 -10.44 2.14
CA SER A 75 -1.26 -9.27 1.43
C SER A 75 -2.76 -9.10 1.65
N GLN A 76 -3.46 -10.23 1.70
CA GLN A 76 -4.91 -10.25 1.92
C GLN A 76 -5.28 -10.23 3.42
N LEU A 77 -4.29 -10.18 4.31
CA LEU A 77 -4.54 -10.20 5.74
C LEU A 77 -5.56 -9.20 6.23
N ASP A 78 -5.65 -8.04 5.58
CA ASP A 78 -6.61 -7.02 5.98
C ASP A 78 -8.00 -7.34 5.48
N GLN A 79 -8.10 -8.07 4.37
CA GLN A 79 -9.37 -8.49 3.77
C GLN A 79 -9.91 -9.74 4.45
N GLN A 80 -10.61 -9.55 5.57
CA GLN A 80 -11.16 -10.66 6.33
C GLN A 80 -11.91 -11.66 5.48
N ALA A 81 -12.91 -11.17 4.74
CA ALA A 81 -13.73 -12.03 3.90
C ALA A 81 -12.98 -12.75 2.79
N THR A 82 -12.04 -12.04 2.16
CA THR A 82 -11.24 -12.58 1.07
C THR A 82 -10.23 -13.63 1.51
N ILE A 83 -9.48 -13.31 2.56
CA ILE A 83 -8.47 -14.24 3.02
C ILE A 83 -9.05 -15.47 3.65
N ASN A 84 -10.25 -15.37 4.20
CA ASN A 84 -10.85 -16.55 4.80
C ASN A 84 -11.15 -17.50 3.68
N ALA A 85 -11.78 -16.98 2.63
CA ALA A 85 -12.12 -17.79 1.47
C ALA A 85 -10.82 -18.38 0.98
N ASP A 86 -9.91 -17.54 0.53
CA ASP A 86 -8.63 -18.04 0.07
C ASP A 86 -8.11 -19.10 1.02
N LEU A 87 -8.12 -18.80 2.33
CA LEU A 87 -7.60 -19.74 3.31
C LEU A 87 -8.31 -21.07 3.27
N ALA A 88 -9.62 -21.03 3.04
CA ALA A 88 -10.44 -22.24 2.96
C ALA A 88 -10.00 -23.06 1.75
N HIS A 89 -9.89 -22.39 0.61
CA HIS A 89 -9.48 -23.04 -0.62
C HIS A 89 -8.20 -23.81 -0.32
N LEU A 90 -7.29 -23.13 0.37
CA LEU A 90 -6.02 -23.72 0.73
C LEU A 90 -6.13 -24.93 1.63
N ALA A 91 -6.99 -24.86 2.63
CA ALA A 91 -7.14 -25.96 3.57
C ALA A 91 -7.44 -27.28 2.86
N GLY A 92 -8.43 -27.26 1.96
CA GLY A 92 -8.78 -28.46 1.21
C GLY A 92 -7.77 -28.82 0.13
N GLN A 93 -6.56 -28.30 0.23
CA GLN A 93 -5.54 -28.64 -0.75
C GLN A 93 -4.51 -29.32 0.11
N HIS A 94 -4.84 -29.43 1.38
CA HIS A 94 -3.98 -30.09 2.36
C HIS A 94 -4.79 -31.17 3.06
N ALA A 95 -5.98 -31.47 2.54
CA ALA A 95 -6.87 -32.47 3.10
C ALA A 95 -6.38 -33.90 2.83
N SER A 96 -5.86 -34.11 1.62
CA SER A 96 -5.34 -35.42 1.23
C SER A 96 -4.18 -35.80 2.15
N ARG A 97 -3.05 -35.12 2.03
CA ARG A 97 -1.90 -35.45 2.86
C ARG A 97 -2.24 -35.30 4.33
N ASN A 98 -1.99 -36.37 5.08
CA ASN A 98 -2.28 -36.40 6.51
C ASN A 98 -1.32 -35.48 7.23
N LEU A 99 -1.84 -34.43 7.85
CA LEU A 99 -0.98 -33.48 8.57
C LEU A 99 -1.44 -33.34 10.00
N ASP A 100 -0.51 -33.46 10.95
CA ASP A 100 -0.82 -33.33 12.37
C ASP A 100 -0.64 -31.85 12.72
N ALA A 101 -0.94 -31.49 13.96
CA ALA A 101 -0.78 -30.10 14.37
C ALA A 101 0.66 -29.82 14.80
N SER A 102 1.56 -30.77 14.53
CA SER A 102 2.96 -30.59 14.88
C SER A 102 3.75 -30.19 13.64
N ASN A 103 3.09 -30.24 12.49
CA ASN A 103 3.69 -29.86 11.22
C ASN A 103 3.49 -28.36 11.02
N PHE A 104 2.25 -27.91 11.18
CA PHE A 104 1.94 -26.49 11.03
C PHE A 104 2.73 -25.71 12.06
N ALA A 105 2.78 -26.22 13.29
CA ALA A 105 3.53 -25.57 14.35
C ALA A 105 5.01 -25.62 14.02
N ALA A 106 5.37 -26.56 13.14
CA ALA A 106 6.76 -26.73 12.73
C ALA A 106 7.06 -25.77 11.59
N MET A 107 6.11 -25.66 10.67
CA MET A 107 6.23 -24.78 9.53
C MET A 107 6.50 -23.38 10.03
N GLY A 108 5.58 -22.87 10.85
CA GLY A 108 5.75 -21.54 11.39
C GLY A 108 7.00 -21.40 12.22
N GLN A 109 7.72 -22.48 12.45
CA GLN A 109 8.93 -22.39 13.22
C GLN A 109 9.98 -22.16 12.18
N ALA A 110 9.83 -22.83 11.06
CA ALA A 110 10.76 -22.70 9.95
C ALA A 110 10.71 -21.28 9.43
N VAL A 111 9.50 -20.78 9.24
CA VAL A 111 9.29 -19.43 8.75
C VAL A 111 9.93 -18.45 9.69
N MET A 112 9.56 -18.51 10.96
CA MET A 112 10.08 -17.54 11.91
C MET A 112 11.54 -17.63 12.27
N SER A 113 12.26 -18.52 11.60
CA SER A 113 13.69 -18.68 11.85
C SER A 113 14.44 -18.20 10.60
N VAL A 114 13.73 -18.20 9.47
CA VAL A 114 14.25 -17.75 8.15
C VAL A 114 14.24 -16.21 8.07
N VAL A 115 13.03 -15.67 8.20
CA VAL A 115 12.71 -14.26 8.17
C VAL A 115 13.54 -13.27 9.00
N PRO A 116 13.55 -13.40 10.33
CA PRO A 116 14.34 -12.43 11.10
C PRO A 116 15.80 -12.30 10.72
N THR A 117 16.40 -13.30 10.07
CA THR A 117 17.79 -13.12 9.72
C THR A 117 17.96 -12.08 8.63
N HIS A 118 16.94 -11.97 7.76
CA HIS A 118 16.94 -11.03 6.64
C HIS A 118 16.51 -9.61 6.98
N LEU A 119 16.22 -9.31 8.25
CA LEU A 119 15.75 -7.96 8.62
C LEU A 119 16.55 -7.30 9.73
N ASP A 120 16.36 -5.99 9.90
CA ASP A 120 17.04 -5.26 10.98
C ASP A 120 16.15 -5.32 12.20
N CYS A 121 14.85 -5.34 11.90
CA CYS A 121 13.81 -5.34 12.90
C CYS A 121 12.71 -6.31 12.57
N PHE A 122 12.33 -7.12 13.56
CA PHE A 122 11.31 -8.13 13.37
C PHE A 122 10.62 -8.43 14.70
N ASN A 123 9.29 -8.25 14.75
CA ASN A 123 8.46 -8.48 15.97
C ASN A 123 7.96 -9.90 16.21
N GLN A 124 8.63 -10.64 17.08
CA GLN A 124 8.27 -12.01 17.40
C GLN A 124 6.77 -12.22 17.45
N HIS A 125 6.16 -11.71 18.51
CA HIS A 125 4.72 -11.88 18.71
C HIS A 125 3.96 -11.56 17.44
N ALA A 126 3.87 -10.27 17.11
CA ALA A 126 3.12 -9.84 15.93
C ALA A 126 3.16 -10.86 14.81
N TRP A 127 4.28 -11.55 14.66
CA TRP A 127 4.36 -12.57 13.62
C TRP A 127 3.62 -13.82 14.02
N GLY A 128 3.93 -14.32 15.21
CA GLY A 128 3.26 -15.51 15.68
C GLY A 128 1.76 -15.42 15.48
N GLU A 129 1.18 -14.31 15.91
CA GLU A 129 -0.24 -14.11 15.79
C GLU A 129 -0.68 -14.39 14.36
N CYS A 130 -0.09 -13.67 13.41
CA CYS A 130 -0.47 -13.86 12.04
C CYS A 130 -0.08 -15.21 11.47
N TYR A 131 1.06 -15.77 11.83
CA TYR A 131 1.37 -17.07 11.27
C TYR A 131 0.27 -17.98 11.72
N GLU A 132 -0.18 -17.73 12.94
CA GLU A 132 -1.26 -18.49 13.57
C GLU A 132 -2.49 -18.29 12.71
N ARG A 133 -2.96 -17.05 12.70
CA ARG A 133 -4.12 -16.63 11.94
C ARG A 133 -4.14 -17.28 10.56
N ILE A 134 -2.96 -17.70 10.10
CA ILE A 134 -2.87 -18.32 8.80
C ILE A 134 -2.92 -19.81 8.94
N ALA A 135 -2.10 -20.34 9.84
CA ALA A 135 -2.05 -21.79 10.06
C ALA A 135 -3.47 -22.31 10.24
N SER A 136 -4.21 -21.71 11.17
CA SER A 136 -5.59 -22.08 11.44
C SER A 136 -6.29 -22.27 10.13
N GLY A 137 -6.67 -21.17 9.48
CA GLY A 137 -7.36 -21.25 8.21
C GLY A 137 -6.94 -22.39 7.29
N ILE A 138 -5.67 -22.78 7.33
CA ILE A 138 -5.18 -23.82 6.44
C ILE A 138 -5.31 -25.23 7.01
N SER A 139 -5.57 -25.34 8.31
CA SER A 139 -5.75 -26.65 8.94
C SER A 139 -7.16 -26.83 9.49
N GLY A 140 -7.45 -26.22 10.64
CA GLY A 140 -8.79 -26.34 11.20
C GLY A 140 -9.03 -25.57 12.49
N ASP B 1 -13.77 7.79 -16.94
CA ASP B 1 -12.94 8.96 -16.54
C ASP B 1 -11.76 8.56 -15.66
N CYS B 2 -11.89 8.81 -14.35
CA CYS B 2 -10.84 8.50 -13.38
C CYS B 2 -10.95 7.03 -12.92
N THR B 3 -10.65 6.13 -13.88
CA THR B 3 -10.72 4.68 -13.70
C THR B 3 -9.95 4.12 -12.50
N SER B 4 -10.39 2.97 -12.01
CA SER B 4 -9.75 2.32 -10.86
C SER B 4 -8.28 2.15 -11.13
N LEU B 5 -7.93 2.08 -12.41
CA LEU B 5 -6.53 1.95 -12.76
C LEU B 5 -5.85 3.30 -12.66
N ASN B 6 -6.48 4.37 -13.13
CA ASN B 6 -5.87 5.69 -13.02
C ASN B 6 -5.55 5.94 -11.56
N ARG B 7 -6.58 5.77 -10.73
CA ARG B 7 -6.37 5.98 -9.32
C ARG B 7 -5.10 5.22 -8.98
N LEU B 8 -4.96 4.00 -9.47
CA LEU B 8 -3.74 3.24 -9.19
C LEU B 8 -2.55 4.08 -9.62
N LEU B 9 -2.41 4.30 -10.92
CA LEU B 9 -1.30 5.08 -11.45
C LEU B 9 -1.16 6.45 -10.79
N VAL B 10 -2.26 7.10 -10.44
CA VAL B 10 -2.13 8.40 -9.81
C VAL B 10 -1.57 8.27 -8.40
N LYS B 11 -2.06 7.29 -7.64
CA LYS B 11 -1.58 7.11 -6.28
C LYS B 11 -0.06 6.91 -6.29
N ARG B 12 0.42 6.12 -7.24
CA ARG B 12 1.83 5.80 -7.37
C ARG B 12 2.68 7.02 -7.69
N GLN B 13 2.55 7.53 -8.92
CA GLN B 13 3.34 8.69 -9.31
C GLN B 13 3.27 9.78 -8.25
N TRP B 14 2.15 9.92 -7.59
CA TRP B 14 2.06 10.94 -6.58
C TRP B 14 2.97 10.62 -5.43
N ALA B 15 3.11 9.33 -5.15
CA ALA B 15 3.98 8.87 -4.08
C ALA B 15 5.38 9.33 -4.49
N GLU B 16 5.83 8.87 -5.65
CA GLU B 16 7.14 9.25 -6.16
C GLU B 16 7.31 10.78 -6.24
N ALA B 17 6.31 11.48 -6.72
CA ALA B 17 6.47 12.91 -6.83
C ALA B 17 6.54 13.60 -5.50
N TYR B 18 5.81 13.08 -4.53
CA TYR B 18 5.76 13.69 -3.20
C TYR B 18 7.06 13.43 -2.44
N GLY B 19 8.00 14.37 -2.53
CA GLY B 19 9.28 14.21 -1.86
C GLY B 19 9.20 13.84 -0.39
N GLU B 20 10.27 14.12 0.35
CA GLU B 20 10.30 13.82 1.78
C GLU B 20 11.05 14.90 2.54
N GLY B 21 10.32 15.60 3.41
CA GLY B 21 10.91 16.64 4.21
C GLY B 21 10.86 18.00 3.54
N THR B 22 11.98 18.40 2.96
CA THR B 22 12.06 19.68 2.28
C THR B 22 11.92 19.51 0.77
N ASN B 23 12.07 18.28 0.30
CA ASN B 23 11.97 17.95 -1.13
C ASN B 23 10.55 18.14 -1.62
N ARG B 24 9.67 18.44 -0.69
CA ARG B 24 8.29 18.67 -1.01
C ARG B 24 8.21 20.15 -1.31
N GLU B 25 8.96 20.93 -0.56
CA GLU B 25 8.96 22.35 -0.77
C GLU B 25 9.37 22.48 -2.23
N LEU B 26 10.29 21.58 -2.62
CA LEU B 26 10.82 21.51 -3.99
C LEU B 26 9.65 21.39 -4.98
N LEU B 27 8.84 20.33 -4.79
CA LEU B 27 7.66 20.10 -5.61
C LEU B 27 6.71 21.28 -5.39
N GLY B 28 6.48 21.61 -4.13
CA GLY B 28 5.60 22.73 -3.82
C GLY B 28 5.93 23.98 -4.63
N ASN B 29 7.14 24.50 -4.46
CA ASN B 29 7.53 25.70 -5.19
C ASN B 29 7.16 25.54 -6.65
N ARG B 30 7.64 24.45 -7.23
CA ARG B 30 7.39 24.12 -8.62
C ARG B 30 5.94 24.42 -9.01
N ILE B 31 4.98 23.88 -8.28
CA ILE B 31 3.58 24.12 -8.61
C ILE B 31 3.21 25.57 -8.35
N TRP B 32 3.85 26.23 -7.41
CA TRP B 32 3.48 27.61 -7.18
C TRP B 32 4.09 28.55 -8.19
N GLU B 33 5.41 28.52 -8.34
CA GLU B 33 6.08 29.41 -9.29
C GLU B 33 5.34 29.43 -10.62
N ASP B 34 4.72 28.30 -10.94
CA ASP B 34 3.95 28.19 -12.19
C ASP B 34 2.67 28.99 -12.04
N LEU B 35 1.75 28.48 -11.23
CA LEU B 35 0.46 29.10 -10.98
C LEU B 35 0.52 30.62 -10.95
N PHE B 36 1.58 31.15 -10.34
CA PHE B 36 1.73 32.59 -10.21
C PHE B 36 2.25 33.25 -11.47
N ALA B 37 2.88 32.46 -12.32
CA ALA B 37 3.40 32.98 -13.57
C ALA B 37 2.20 33.16 -14.47
N ASN B 38 1.70 32.04 -14.96
CA ASN B 38 0.57 32.02 -15.85
C ASN B 38 -0.54 32.92 -15.34
N MET B 39 -0.74 32.96 -14.02
CA MET B 39 -1.81 33.78 -13.47
C MET B 39 -1.38 34.60 -12.24
N PRO B 40 -0.66 35.72 -12.47
CA PRO B 40 -0.18 36.58 -11.38
C PRO B 40 -1.33 37.14 -10.56
N ASP B 41 -2.48 37.27 -11.20
CA ASP B 41 -3.65 37.81 -10.53
C ASP B 41 -3.99 36.94 -9.32
N ALA B 42 -3.43 35.74 -9.28
CA ALA B 42 -3.70 34.79 -8.20
C ALA B 42 -2.83 34.91 -6.96
N ARG B 43 -1.65 35.50 -7.09
CA ARG B 43 -0.72 35.66 -5.96
C ARG B 43 -1.33 36.54 -4.87
N GLY B 44 -2.38 37.27 -5.22
CA GLY B 44 -3.02 38.15 -4.26
C GLY B 44 -3.99 37.47 -3.30
N LEU B 45 -4.43 36.27 -3.65
CA LEU B 45 -5.35 35.53 -2.79
C LEU B 45 -4.65 35.15 -1.48
N PHE B 46 -3.32 35.12 -1.51
CA PHE B 46 -2.55 34.72 -0.33
C PHE B 46 -1.77 35.81 0.43
N SER B 47 -2.22 37.06 0.37
CA SER B 47 -1.50 38.11 1.08
C SER B 47 -1.31 37.74 2.56
N ARG B 48 -2.10 36.78 3.05
CA ARG B 48 -2.03 36.35 4.45
C ARG B 48 -0.86 35.44 4.77
N VAL B 49 -0.59 34.48 3.91
CA VAL B 49 0.51 33.56 4.14
C VAL B 49 1.72 34.00 3.34
N ASN B 50 1.70 35.29 3.00
CA ASN B 50 2.77 35.98 2.27
C ASN B 50 2.96 35.51 0.83
N GLY B 51 1.89 35.63 0.04
CA GLY B 51 1.93 35.20 -1.33
C GLY B 51 3.04 35.84 -2.13
N ASN B 52 3.32 37.10 -1.83
CA ASN B 52 4.38 37.79 -2.54
C ASN B 52 5.71 37.08 -2.39
N ASP B 53 6.07 36.72 -1.17
CA ASP B 53 7.36 36.08 -0.92
C ASP B 53 7.30 34.56 -0.84
N ILE B 54 6.95 33.94 -1.96
CA ILE B 54 6.83 32.48 -2.07
C ILE B 54 7.81 31.71 -1.18
N ASP B 55 8.96 32.31 -0.87
CA ASP B 55 9.97 31.64 -0.05
C ASP B 55 9.89 31.84 1.47
N SER B 56 8.97 32.68 1.94
CA SER B 56 8.82 32.94 3.38
C SER B 56 8.45 31.70 4.19
N SER B 57 8.62 31.77 5.51
CA SER B 57 8.28 30.65 6.35
C SER B 57 6.76 30.50 6.25
N GLU B 58 6.05 31.63 6.33
CA GLU B 58 4.60 31.61 6.27
C GLU B 58 4.11 30.75 5.10
N PHE B 59 4.44 31.20 3.90
CA PHE B 59 4.03 30.52 2.69
C PHE B 59 4.52 29.07 2.57
N GLN B 60 5.74 28.79 3.00
CA GLN B 60 6.21 27.44 2.86
C GLN B 60 5.35 26.51 3.72
N ALA B 61 4.94 27.01 4.88
CA ALA B 61 4.05 26.22 5.73
C ALA B 61 2.92 25.97 4.77
N HIS B 62 2.12 27.02 4.58
CA HIS B 62 0.99 27.00 3.67
C HIS B 62 1.16 26.09 2.45
N SER B 63 2.17 26.37 1.65
CA SER B 63 2.48 25.58 0.48
C SER B 63 2.41 24.13 0.88
N LEU B 64 3.19 23.80 1.90
CA LEU B 64 3.23 22.44 2.37
C LEU B 64 1.87 21.90 2.77
N ARG B 65 1.11 22.68 3.52
CA ARG B 65 -0.22 22.29 3.94
C ARG B 65 -0.99 21.77 2.72
N VAL B 66 -1.07 22.61 1.70
CA VAL B 66 -1.75 22.28 0.47
C VAL B 66 -1.36 20.90 0.02
N LEU B 67 -0.07 20.66 -0.17
CA LEU B 67 0.34 19.35 -0.62
C LEU B 67 -0.16 18.32 0.36
N GLY B 68 -0.23 18.71 1.63
CA GLY B 68 -0.72 17.79 2.64
C GLY B 68 -2.08 17.29 2.23
N GLY B 69 -3.03 18.22 2.16
CA GLY B 69 -4.37 17.88 1.74
C GLY B 69 -4.29 17.03 0.49
N LEU B 70 -3.90 17.66 -0.61
CA LEU B 70 -3.76 16.97 -1.88
C LEU B 70 -3.20 15.53 -1.75
N ASP B 71 -2.48 15.24 -0.69
CA ASP B 71 -1.97 13.89 -0.53
C ASP B 71 -3.07 13.00 0.02
N MET B 72 -3.85 13.53 0.97
CA MET B 72 -4.94 12.77 1.56
C MET B 72 -5.83 12.30 0.45
N CYS B 73 -6.17 13.23 -0.42
CA CYS B 73 -7.03 12.93 -1.55
C CYS B 73 -6.53 11.72 -2.27
N VAL B 74 -5.39 11.89 -2.90
CA VAL B 74 -4.79 10.81 -3.62
C VAL B 74 -4.88 9.51 -2.81
N ALA B 75 -4.55 9.58 -1.53
CA ALA B 75 -4.59 8.42 -0.65
C ALA B 75 -5.99 7.86 -0.47
N SER B 76 -6.99 8.73 -0.53
CA SER B 76 -8.36 8.26 -0.38
C SER B 76 -9.00 7.93 -1.73
N LEU B 77 -8.47 8.50 -2.80
CA LEU B 77 -9.01 8.21 -4.11
C LEU B 77 -9.68 6.83 -4.23
N ASP B 78 -9.14 5.84 -3.52
CA ASP B 78 -9.64 4.47 -3.55
C ASP B 78 -11.03 4.33 -2.93
N ASP B 79 -11.14 4.78 -1.69
CA ASP B 79 -12.38 4.75 -0.92
C ASP B 79 -13.06 6.10 -1.09
N VAL B 80 -14.18 6.11 -1.79
CA VAL B 80 -14.93 7.35 -2.05
C VAL B 80 -15.61 8.03 -0.87
N PRO B 81 -16.40 7.31 -0.09
CA PRO B 81 -17.04 8.00 1.03
C PRO B 81 -16.14 9.00 1.75
N VAL B 82 -14.94 8.57 2.14
CA VAL B 82 -14.06 9.47 2.88
C VAL B 82 -13.67 10.67 2.04
N LEU B 83 -13.19 10.40 0.84
CA LEU B 83 -12.80 11.47 -0.06
C LEU B 83 -13.84 12.56 0.01
N ASN B 84 -15.08 12.22 -0.34
CA ASN B 84 -16.20 13.16 -0.32
C ASN B 84 -15.99 14.05 0.88
N ALA B 85 -16.04 13.43 2.05
CA ALA B 85 -15.88 14.11 3.33
C ALA B 85 -14.62 14.96 3.39
N LEU B 86 -13.54 14.45 2.81
CA LEU B 86 -12.31 15.21 2.82
C LEU B 86 -12.57 16.49 2.04
N LEU B 87 -12.89 16.37 0.76
CA LEU B 87 -13.19 17.53 -0.09
C LEU B 87 -14.21 18.46 0.55
N ALA B 88 -15.03 17.88 1.40
CA ALA B 88 -16.04 18.68 2.05
C ALA B 88 -15.32 19.71 2.88
N ARG B 89 -14.55 19.27 3.88
CA ARG B 89 -13.84 20.21 4.74
C ARG B 89 -13.05 21.22 3.90
N LEU B 90 -12.23 20.72 2.98
CA LEU B 90 -11.45 21.58 2.10
C LEU B 90 -12.38 22.63 1.54
N ASN B 91 -13.44 22.17 0.90
CA ASN B 91 -14.39 23.09 0.32
C ASN B 91 -14.78 24.17 1.31
N SER B 92 -15.14 23.80 2.53
CA SER B 92 -15.53 24.81 3.51
C SER B 92 -14.34 25.69 3.88
N GLN B 93 -13.14 25.27 3.53
CA GLN B 93 -11.96 26.06 3.84
C GLN B 93 -11.58 27.00 2.73
N HIS B 94 -12.25 26.87 1.59
CA HIS B 94 -12.00 27.76 0.46
C HIS B 94 -13.29 28.53 0.13
N ASP B 95 -14.34 28.27 0.89
CA ASP B 95 -15.62 28.93 0.67
C ASP B 95 -15.50 30.42 0.95
N SER B 96 -14.82 30.74 2.05
CA SER B 96 -14.60 32.12 2.47
C SER B 96 -13.88 32.94 1.40
N ARG B 97 -12.60 32.66 1.21
CA ARG B 97 -11.78 33.36 0.22
C ARG B 97 -12.53 33.57 -1.09
N GLY B 98 -12.16 34.60 -1.83
CA GLY B 98 -12.80 34.90 -3.09
C GLY B 98 -12.04 34.29 -4.26
N ILE B 99 -11.87 32.98 -4.22
CA ILE B 99 -11.16 32.27 -5.26
C ILE B 99 -11.93 32.26 -6.57
N PRO B 100 -11.31 32.73 -7.66
CA PRO B 100 -11.89 32.80 -9.00
C PRO B 100 -12.09 31.40 -9.55
N ALA B 101 -13.21 31.17 -10.24
CA ALA B 101 -13.47 29.85 -10.80
C ALA B 101 -12.31 29.43 -11.69
N ALA B 102 -11.73 30.38 -12.40
CA ALA B 102 -10.61 30.10 -13.28
C ALA B 102 -9.33 29.77 -12.52
N GLY B 103 -9.44 29.53 -11.21
CA GLY B 103 -8.26 29.23 -10.40
C GLY B 103 -7.91 27.76 -10.25
N TYR B 104 -8.92 26.95 -9.94
CA TYR B 104 -8.73 25.52 -9.77
C TYR B 104 -8.20 24.90 -11.01
N PRO B 105 -8.76 25.26 -12.16
CA PRO B 105 -8.29 24.70 -13.42
C PRO B 105 -6.78 24.94 -13.56
N ALA B 106 -6.37 26.16 -13.22
CA ALA B 106 -4.96 26.55 -13.29
C ALA B 106 -4.14 25.80 -12.26
N PHE B 107 -4.65 25.72 -11.04
CA PHE B 107 -3.92 25.00 -10.00
C PHE B 107 -3.67 23.58 -10.49
N VAL B 108 -4.72 22.96 -11.01
CA VAL B 108 -4.58 21.61 -11.48
C VAL B 108 -3.53 21.50 -12.56
N ALA B 109 -3.45 22.49 -13.44
CA ALA B 109 -2.47 22.45 -14.52
C ALA B 109 -1.05 22.57 -13.98
N SER B 110 -0.90 23.43 -12.97
CA SER B 110 0.38 23.69 -12.33
C SER B 110 0.82 22.49 -11.53
N ALA B 111 -0.15 21.77 -10.96
CA ALA B 111 0.20 20.60 -10.18
C ALA B 111 0.57 19.53 -11.18
N ILE B 112 -0.40 19.13 -11.99
CA ILE B 112 -0.16 18.11 -12.97
C ILE B 112 1.17 18.37 -13.64
N SER B 113 1.47 19.65 -13.90
CA SER B 113 2.74 19.98 -14.52
C SER B 113 3.87 19.65 -13.55
N ALA B 114 3.73 20.18 -12.33
CA ALA B 114 4.72 19.97 -11.29
C ALA B 114 5.06 18.52 -11.12
N VAL B 115 4.04 17.69 -10.92
CA VAL B 115 4.26 16.26 -10.75
C VAL B 115 5.04 15.64 -11.92
N ARG B 116 4.69 16.05 -13.14
CA ARG B 116 5.33 15.56 -14.35
C ARG B 116 6.83 15.80 -14.23
N ALA B 117 7.21 17.07 -14.14
CA ALA B 117 8.61 17.43 -14.00
C ALA B 117 9.29 16.56 -12.94
N THR B 118 8.64 16.42 -11.80
CA THR B 118 9.20 15.65 -10.73
C THR B 118 9.36 14.17 -11.05
N VAL B 119 8.27 13.47 -11.39
CA VAL B 119 8.39 12.06 -11.67
C VAL B 119 8.92 11.79 -13.08
N GLY B 120 9.10 12.86 -13.86
CA GLY B 120 9.61 12.74 -15.21
C GLY B 120 8.55 12.35 -16.21
N ALA B 121 8.63 12.93 -17.42
CA ALA B 121 7.65 12.62 -18.47
C ALA B 121 7.82 11.24 -19.08
N ARG B 122 8.06 10.25 -18.23
CA ARG B 122 8.21 8.87 -18.67
C ARG B 122 6.83 8.36 -19.08
N SER B 123 6.24 9.03 -20.07
CA SER B 123 4.92 8.69 -20.58
C SER B 123 3.79 9.08 -19.62
N PHE B 124 4.08 10.06 -18.76
CA PHE B 124 3.12 10.58 -17.78
C PHE B 124 1.68 10.52 -18.32
N ASP B 125 0.81 9.80 -17.63
CA ASP B 125 -0.58 9.66 -18.06
C ASP B 125 -1.43 10.90 -17.78
N ASN B 126 -1.36 11.90 -18.66
CA ASN B 126 -2.14 13.12 -18.50
C ASN B 126 -3.62 12.84 -18.33
N ASP B 127 -4.15 11.90 -19.13
CA ASP B 127 -5.56 11.57 -19.03
C ASP B 127 -5.91 11.10 -17.62
N ALA B 128 -5.12 10.18 -17.10
CA ALA B 128 -5.36 9.68 -15.76
C ALA B 128 -5.17 10.79 -14.74
N TRP B 129 -4.11 11.57 -14.86
CA TRP B 129 -3.96 12.61 -13.87
C TRP B 129 -5.10 13.55 -13.93
N ASN B 130 -5.20 14.29 -15.01
CA ASN B 130 -6.31 15.21 -15.13
C ASN B 130 -7.64 14.58 -14.70
N SER B 131 -7.98 13.45 -15.28
CA SER B 131 -9.22 12.79 -14.93
C SER B 131 -9.41 12.77 -13.41
N CYS B 132 -8.42 12.25 -12.69
CA CYS B 132 -8.54 12.18 -11.24
C CYS B 132 -8.33 13.48 -10.51
N MET B 133 -7.49 14.35 -11.05
CA MET B 133 -7.23 15.63 -10.41
C MET B 133 -8.48 16.46 -10.46
N ASN B 134 -9.31 16.19 -11.45
CA ASN B 134 -10.56 16.95 -11.61
C ASN B 134 -11.62 16.41 -10.69
N GLN B 135 -11.64 15.10 -10.49
CA GLN B 135 -12.62 14.52 -9.60
C GLN B 135 -12.44 15.23 -8.25
N ILE B 136 -11.21 15.66 -7.97
CA ILE B 136 -10.88 16.30 -6.70
C ILE B 136 -11.37 17.71 -6.60
N VAL B 137 -10.94 18.57 -7.51
CA VAL B 137 -11.34 19.96 -7.48
C VAL B 137 -12.85 20.11 -7.26
N SER B 138 -13.65 19.35 -8.02
CA SER B 138 -15.10 19.38 -7.94
C SER B 138 -15.68 19.55 -6.54
N GLY B 139 -15.16 18.79 -5.59
CA GLY B 139 -15.67 18.87 -4.23
C GLY B 139 -15.22 20.12 -3.53
N ILE B 140 -14.17 20.75 -4.07
CA ILE B 140 -13.65 21.96 -3.45
C ILE B 140 -14.22 23.22 -4.07
N SER B 141 -13.91 23.48 -5.35
CA SER B 141 -14.44 24.67 -6.02
C SER B 141 -15.94 24.52 -6.24
N GLY B 142 -16.32 23.59 -7.12
CA GLY B 142 -17.72 23.33 -7.41
C GLY B 142 -18.36 24.22 -8.46
N SER C 2 14.92 16.45 27.07
CA SER C 2 13.62 16.97 26.53
C SER C 2 13.76 17.60 25.14
N CYS C 3 14.99 17.93 24.76
CA CYS C 3 15.28 18.54 23.46
C CYS C 3 15.24 17.50 22.33
N CYS C 4 14.35 17.69 21.36
CA CYS C 4 14.22 16.78 20.20
C CYS C 4 15.37 17.04 19.26
N SER C 5 16.48 16.36 19.52
CA SER C 5 17.75 16.46 18.80
C SER C 5 17.77 16.24 17.30
N SER C 6 18.93 16.38 16.68
CA SER C 6 19.02 16.15 15.24
C SER C 6 18.81 14.67 14.98
N GLU C 7 19.45 13.85 15.79
CA GLU C 7 19.34 12.40 15.65
C GLU C 7 17.87 12.01 15.87
N ASP C 8 17.32 12.44 17.01
CA ASP C 8 15.94 12.16 17.37
C ASP C 8 14.92 12.32 16.21
N ARG C 9 14.99 13.43 15.47
CA ARG C 9 14.07 13.66 14.36
C ARG C 9 14.31 12.67 13.24
N ALA C 10 15.58 12.45 12.91
CA ALA C 10 15.89 11.50 11.86
C ALA C 10 15.36 10.16 12.33
N ASN C 11 15.77 9.78 13.53
CA ASN C 11 15.36 8.52 14.11
C ASN C 11 13.84 8.37 14.22
N VAL C 12 13.11 9.50 14.24
CA VAL C 12 11.66 9.49 14.33
C VAL C 12 11.07 9.41 12.95
N MET C 13 11.62 10.23 12.05
CA MET C 13 11.16 10.23 10.68
C MET C 13 11.30 8.81 10.14
N HIS C 14 12.27 8.06 10.66
CA HIS C 14 12.47 6.69 10.23
C HIS C 14 11.28 5.89 10.74
N ASN C 15 11.18 5.73 12.05
CA ASN C 15 10.07 5.01 12.66
C ASN C 15 8.77 5.29 11.92
N TRP C 16 8.56 6.56 11.59
CA TRP C 16 7.35 7.00 10.89
C TRP C 16 7.47 6.91 9.36
N ASP C 17 8.58 6.36 8.88
CA ASP C 17 8.74 6.21 7.44
C ASP C 17 7.99 4.91 7.15
N ALA C 18 8.36 3.89 7.94
CA ALA C 18 7.76 2.56 7.89
C ALA C 18 6.46 2.78 8.62
N ALA C 19 5.60 1.77 8.66
CA ALA C 19 4.32 1.96 9.33
C ALA C 19 3.71 3.20 8.68
N TRP C 20 3.90 3.31 7.37
CA TRP C 20 3.37 4.43 6.61
C TRP C 20 3.37 4.21 5.10
N SER C 21 2.33 4.72 4.44
CA SER C 21 2.19 4.63 2.99
C SER C 21 1.58 5.91 2.43
N ALA C 22 2.34 6.61 1.58
CA ALA C 22 1.85 7.84 0.98
C ALA C 22 0.90 7.49 -0.14
N ALA C 23 0.82 6.19 -0.42
CA ALA C 23 -0.04 5.68 -1.47
C ALA C 23 -1.45 5.33 -0.99
N TYR C 24 -1.58 4.68 0.17
CA TYR C 24 -2.89 4.27 0.67
C TYR C 24 -3.35 4.76 2.05
N SER C 25 -4.58 5.29 2.08
CA SER C 25 -5.19 5.85 3.30
C SER C 25 -5.48 4.83 4.39
N ASP C 26 -5.99 3.67 3.98
CA ASP C 26 -6.34 2.60 4.91
C ASP C 26 -5.38 2.42 6.10
N ARG C 27 -4.09 2.26 5.83
CA ARG C 27 -3.12 2.08 6.92
C ARG C 27 -3.19 3.27 7.89
N ARG C 28 -3.05 4.47 7.35
CA ARG C 28 -3.11 5.68 8.17
C ARG C 28 -4.33 5.56 9.08
N VAL C 29 -5.45 5.13 8.49
CA VAL C 29 -6.71 5.01 9.21
C VAL C 29 -6.67 4.10 10.42
N ALA C 30 -6.00 2.95 10.27
CA ALA C 30 -5.90 2.02 11.40
C ALA C 30 -5.06 2.65 12.47
N LEU C 31 -3.90 3.13 12.08
CA LEU C 31 -2.99 3.76 13.01
C LEU C 31 -3.73 4.85 13.77
N ALA C 32 -4.51 5.65 13.06
CA ALA C 32 -5.25 6.70 13.72
C ALA C 32 -6.25 6.09 14.70
N GLN C 33 -7.26 5.42 14.18
CA GLN C 33 -8.28 4.81 15.03
C GLN C 33 -7.69 4.22 16.32
N ALA C 34 -6.55 3.56 16.25
CA ALA C 34 -6.00 2.97 17.45
C ALA C 34 -5.56 4.08 18.37
N VAL C 35 -4.92 5.10 17.81
CA VAL C 35 -4.51 6.23 18.64
C VAL C 35 -5.76 6.66 19.37
N PHE C 36 -6.83 6.88 18.60
CA PHE C 36 -8.11 7.32 19.15
C PHE C 36 -8.75 6.33 20.10
N ALA C 37 -8.79 5.07 19.69
CA ALA C 37 -9.36 4.01 20.48
C ALA C 37 -8.99 4.21 21.95
N SER C 38 -7.69 4.37 22.21
CA SER C 38 -7.19 4.56 23.57
C SER C 38 -7.55 5.94 24.11
N LEU C 39 -7.13 6.98 23.40
CA LEU C 39 -7.41 8.35 23.81
C LEU C 39 -8.70 8.38 24.60
N PHE C 40 -9.76 7.92 23.95
CA PHE C 40 -11.07 7.88 24.55
C PHE C 40 -11.08 6.96 25.73
N SER C 41 -10.67 5.73 25.49
CA SER C 41 -10.64 4.73 26.54
C SER C 41 -10.07 5.27 27.85
N ARG C 42 -9.22 6.30 27.76
CA ARG C 42 -8.64 6.83 28.97
C ARG C 42 -9.13 8.23 29.31
N ASP C 43 -10.15 8.68 28.59
CA ASP C 43 -10.77 9.99 28.81
C ASP C 43 -12.09 10.04 28.04
N ALA C 44 -13.01 9.15 28.42
CA ALA C 44 -14.31 9.06 27.76
C ALA C 44 -14.83 10.45 27.45
N ALA C 45 -14.81 11.31 28.46
CA ALA C 45 -15.25 12.68 28.31
C ALA C 45 -14.71 13.31 27.03
N ALA C 46 -13.39 13.19 26.83
CA ALA C 46 -12.71 13.73 25.66
C ALA C 46 -13.45 13.42 24.36
N GLN C 47 -13.92 12.18 24.27
CA GLN C 47 -14.65 11.72 23.10
C GLN C 47 -15.64 12.75 22.59
N GLY C 48 -16.31 13.40 23.54
CA GLY C 48 -17.30 14.40 23.20
C GLY C 48 -16.77 15.52 22.35
N LEU C 49 -15.49 15.82 22.43
CA LEU C 49 -14.94 16.91 21.62
C LEU C 49 -15.10 16.71 20.10
N PHE C 50 -15.20 15.46 19.69
CA PHE C 50 -15.32 15.18 18.28
C PHE C 50 -16.73 14.90 17.88
N SER C 51 -17.68 15.37 18.67
CA SER C 51 -19.09 15.16 18.34
C SER C 51 -19.28 15.58 16.88
N GLY C 52 -18.48 16.59 16.48
CA GLY C 52 -18.53 17.11 15.13
C GLY C 52 -17.96 16.14 14.12
N VAL C 53 -17.90 14.88 14.51
CA VAL C 53 -17.40 13.77 13.70
C VAL C 53 -18.05 12.53 14.30
N SER C 54 -18.45 11.57 13.47
CA SER C 54 -19.12 10.37 13.98
C SER C 54 -18.30 9.54 15.00
N ALA C 55 -17.75 10.22 16.01
CA ALA C 55 -16.91 9.53 17.00
C ALA C 55 -17.51 8.24 17.55
N ASP C 56 -18.79 8.30 17.90
CA ASP C 56 -19.50 7.15 18.45
C ASP C 56 -19.59 5.99 17.46
N ASN C 57 -19.03 6.19 16.28
CA ASN C 57 -19.04 5.14 15.26
C ASN C 57 -17.71 5.12 14.54
N PRO C 58 -16.63 4.82 15.27
CA PRO C 58 -15.31 4.77 14.64
C PRO C 58 -15.37 4.30 13.21
N ASP C 59 -15.79 3.07 13.00
CA ASP C 59 -15.88 2.50 11.66
C ASP C 59 -16.73 3.28 10.65
N SER C 60 -16.91 4.59 10.85
CA SER C 60 -17.73 5.38 9.93
C SER C 60 -16.92 6.36 9.13
N ALA C 61 -17.34 6.62 7.89
CA ALA C 61 -16.63 7.56 7.01
C ALA C 61 -16.28 8.86 7.70
N ASP C 62 -17.31 9.61 8.03
CA ASP C 62 -17.15 10.91 8.68
C ASP C 62 -15.97 10.94 9.64
N PHE C 63 -15.83 9.84 10.37
CA PHE C 63 -14.79 9.67 11.39
C PHE C 63 -13.44 9.26 10.78
N ARG C 64 -13.46 8.25 9.93
CA ARG C 64 -12.22 7.81 9.31
C ARG C 64 -11.61 8.97 8.57
N ALA C 65 -12.46 9.91 8.17
CA ALA C 65 -12.01 11.09 7.46
C ALA C 65 -11.29 11.99 8.44
N HIS C 66 -11.79 12.06 9.66
CA HIS C 66 -11.15 12.90 10.63
C HIS C 66 -9.81 12.30 10.97
N CYS C 67 -9.76 10.97 11.10
CA CYS C 67 -8.50 10.30 11.43
C CYS C 67 -7.45 10.69 10.40
N VAL C 68 -7.80 10.56 9.11
CA VAL C 68 -6.88 10.91 8.05
C VAL C 68 -6.45 12.34 8.25
N ARG C 69 -7.40 13.28 8.31
CA ARG C 69 -7.08 14.68 8.50
C ARG C 69 -5.99 14.88 9.57
N VAL C 70 -6.12 14.20 10.70
CA VAL C 70 -5.14 14.27 11.79
C VAL C 70 -3.83 13.57 11.45
N VAL C 71 -3.87 12.25 11.32
CA VAL C 71 -2.66 11.50 10.95
C VAL C 71 -1.84 12.30 9.93
N ASN C 72 -2.51 12.91 8.96
CA ASN C 72 -1.84 13.72 7.94
C ASN C 72 -1.21 14.98 8.56
N GLY C 73 -1.95 15.67 9.42
CA GLY C 73 -1.40 16.86 10.05
C GLY C 73 -0.06 16.54 10.70
N LEU C 74 -0.05 15.48 11.49
CA LEU C 74 1.14 15.05 12.19
C LEU C 74 2.23 14.63 11.23
N ASP C 75 1.87 14.15 10.04
CA ASP C 75 2.87 13.75 9.08
C ASP C 75 3.39 15.05 8.49
N VAL C 76 2.49 15.98 8.29
CA VAL C 76 2.90 17.24 7.73
C VAL C 76 3.89 17.93 8.63
N ALA C 77 3.80 17.68 9.92
CA ALA C 77 4.71 18.31 10.88
C ALA C 77 5.99 17.52 11.09
N ILE C 78 5.85 16.21 11.21
CA ILE C 78 7.00 15.36 11.40
C ILE C 78 8.00 15.64 10.28
N ASN C 79 7.50 16.12 9.14
CA ASN C 79 8.38 16.39 8.02
C ASN C 79 9.02 17.75 8.04
N MET C 80 8.43 18.70 8.76
CA MET C 80 9.01 20.02 8.85
C MET C 80 10.06 19.98 9.95
N LEU C 81 10.07 18.87 10.67
CA LEU C 81 10.98 18.66 11.78
C LEU C 81 12.41 19.02 11.43
N ASN C 82 12.71 19.14 10.14
CA ASN C 82 14.05 19.49 9.69
C ASN C 82 14.16 20.97 9.41
N ASP C 83 13.10 21.55 8.84
CA ASP C 83 13.07 22.96 8.52
C ASP C 83 12.23 23.72 9.57
N PRO C 84 12.70 23.79 10.84
CA PRO C 84 12.01 24.47 11.97
C PRO C 84 11.29 25.73 11.64
N ALA C 85 12.00 26.72 11.11
CA ALA C 85 11.36 27.99 10.79
C ALA C 85 9.96 27.70 10.29
N VAL C 86 9.86 26.89 9.24
CA VAL C 86 8.58 26.51 8.66
C VAL C 86 7.67 25.81 9.67
N LEU C 87 8.19 24.77 10.31
CA LEU C 87 7.40 24.05 11.30
C LEU C 87 6.70 25.04 12.22
N ASN C 88 7.47 25.96 12.79
CA ASN C 88 6.89 26.92 13.71
C ASN C 88 5.55 27.45 13.26
N GLU C 89 5.48 27.93 12.03
CA GLU C 89 4.25 28.47 11.51
C GLU C 89 3.20 27.37 11.47
N GLN C 90 3.57 26.23 10.91
CA GLN C 90 2.65 25.12 10.81
C GLN C 90 2.07 24.77 12.15
N LEU C 91 2.84 24.81 13.22
CA LEU C 91 2.26 24.50 14.52
C LEU C 91 1.45 25.72 14.90
N ALA C 92 2.08 26.89 14.88
CA ALA C 92 1.38 28.13 15.20
C ALA C 92 0.00 28.09 14.55
N HIS C 93 -0.05 27.51 13.36
CA HIS C 93 -1.30 27.39 12.61
C HIS C 93 -2.12 26.37 13.40
N LEU C 94 -1.87 25.08 13.15
CA LEU C 94 -2.52 23.97 13.84
C LEU C 94 -3.01 24.37 15.22
N SER C 95 -2.24 25.26 15.87
CA SER C 95 -2.61 25.75 17.18
C SER C 95 -4.00 26.35 17.03
N ALA C 96 -4.01 27.61 16.57
CA ALA C 96 -5.24 28.35 16.36
C ALA C 96 -6.43 27.48 15.99
N GLN C 97 -6.21 26.43 15.20
CA GLN C 97 -7.29 25.54 14.82
C GLN C 97 -7.87 24.73 15.99
N HIS C 98 -7.11 24.67 17.09
CA HIS C 98 -7.59 23.96 18.27
C HIS C 98 -8.10 24.99 19.27
N GLN C 99 -7.55 26.19 19.21
CA GLN C 99 -8.02 27.26 20.09
C GLN C 99 -9.45 27.50 19.61
N ALA C 100 -9.67 27.32 18.31
CA ALA C 100 -10.97 27.53 17.68
C ALA C 100 -11.99 26.52 18.16
N ARG C 101 -11.51 25.34 18.55
CA ARG C 101 -12.36 24.30 19.06
C ARG C 101 -12.60 24.49 20.56
N ALA C 102 -13.81 24.91 20.90
CA ALA C 102 -14.15 25.14 22.29
C ALA C 102 -13.93 23.86 23.07
N GLY C 103 -13.24 23.98 24.20
CA GLY C 103 -12.96 22.82 25.01
C GLY C 103 -11.50 22.48 24.88
N VAL C 104 -11.21 21.34 24.25
CA VAL C 104 -9.84 20.88 24.03
C VAL C 104 -8.81 21.85 24.62
N ALA C 105 -8.25 21.44 25.76
CA ALA C 105 -7.24 22.23 26.46
C ALA C 105 -5.93 21.45 26.52
N ALA C 106 -4.88 22.14 26.95
CA ALA C 106 -3.55 21.56 27.06
C ALA C 106 -3.63 20.11 27.50
N ALA C 107 -4.07 19.90 28.74
CA ALA C 107 -4.19 18.57 29.33
C ALA C 107 -4.46 17.47 28.31
N HIS C 108 -5.37 17.74 27.38
CA HIS C 108 -5.75 16.78 26.34
C HIS C 108 -4.62 16.25 25.48
N PHE C 109 -3.63 17.09 25.19
CA PHE C 109 -2.50 16.67 24.38
C PHE C 109 -1.56 15.78 25.17
N ASP C 110 -1.90 15.55 26.42
CA ASP C 110 -1.10 14.67 27.25
C ASP C 110 -1.73 13.29 27.13
N VAL C 111 -3.05 13.26 27.04
CA VAL C 111 -3.75 11.99 26.89
C VAL C 111 -3.44 11.51 25.48
N MET C 112 -3.50 12.45 24.52
CA MET C 112 -3.22 12.17 23.11
C MET C 112 -1.77 11.81 22.96
N ALA C 113 -0.95 12.40 23.82
CA ALA C 113 0.47 12.12 23.81
C ALA C 113 0.64 10.63 24.01
N GLU C 114 0.29 10.15 25.21
CA GLU C 114 0.41 8.74 25.52
C GLU C 114 -0.43 7.82 24.65
N ALA C 115 -1.47 8.37 24.03
CA ALA C 115 -2.31 7.57 23.15
C ALA C 115 -1.39 7.08 22.03
N PHE C 116 -0.71 8.00 21.33
CA PHE C 116 0.22 7.66 20.25
C PHE C 116 1.32 6.75 20.79
N ALA C 117 1.79 7.08 21.98
CA ALA C 117 2.84 6.32 22.66
C ALA C 117 2.52 4.83 22.84
N GLU C 118 1.25 4.47 22.67
CA GLU C 118 0.78 3.10 22.81
C GLU C 118 0.69 2.43 21.44
N VAL C 119 0.21 3.19 20.48
CA VAL C 119 0.03 2.67 19.14
C VAL C 119 1.29 2.36 18.33
N MET C 120 2.19 3.34 18.18
CA MET C 120 3.40 3.17 17.35
C MET C 120 4.14 1.84 17.38
N PRO C 121 4.55 1.39 18.57
CA PRO C 121 5.26 0.10 18.64
C PRO C 121 4.48 -1.03 17.98
N GLN C 122 3.20 -0.79 17.72
CA GLN C 122 2.37 -1.81 17.10
C GLN C 122 2.30 -1.56 15.59
N VAL C 123 2.97 -0.50 15.12
CA VAL C 123 2.94 -0.16 13.69
C VAL C 123 4.34 -0.07 13.08
N SER C 124 5.22 0.65 13.76
CA SER C 124 6.60 0.83 13.31
C SER C 124 7.52 -0.22 13.96
N SER C 125 8.39 -0.82 13.15
CA SER C 125 9.35 -1.82 13.61
C SER C 125 10.52 -1.12 14.31
N CYS C 126 11.01 -1.71 15.42
CA CYS C 126 12.11 -1.14 16.24
C CYS C 126 11.95 0.35 16.38
N PHE C 127 10.99 0.72 17.19
CA PHE C 127 10.60 2.09 17.46
C PHE C 127 11.46 2.66 18.60
N SER C 128 11.83 3.94 18.47
CA SER C 128 12.64 4.59 19.50
C SER C 128 11.72 5.44 20.35
N SER C 129 11.16 4.85 21.40
CA SER C 129 10.25 5.58 22.24
C SER C 129 10.80 6.93 22.66
N ASP C 130 12.06 6.94 23.10
CA ASP C 130 12.67 8.19 23.55
C ASP C 130 12.62 9.29 22.51
N SER C 131 13.19 9.05 21.34
CA SER C 131 13.17 10.07 20.28
C SER C 131 11.75 10.49 19.93
N TRP C 132 10.81 9.55 19.96
CA TRP C 132 9.42 9.88 19.63
C TRP C 132 8.76 10.72 20.71
N ASN C 133 9.01 10.37 21.97
CA ASN C 133 8.42 11.12 23.06
C ASN C 133 9.08 12.49 23.16
N ARG C 134 10.30 12.59 22.67
CA ARG C 134 11.07 13.84 22.70
C ARG C 134 10.66 14.77 21.55
N CYS C 135 10.45 14.21 20.37
CA CYS C 135 10.04 15.01 19.24
C CYS C 135 8.54 15.18 19.20
N PHE C 136 7.79 14.14 19.54
CA PHE C 136 6.34 14.29 19.51
C PHE C 136 5.99 15.51 20.35
N ALA C 137 6.62 15.63 21.52
CA ALA C 137 6.38 16.78 22.39
C ALA C 137 6.68 18.05 21.58
N ARG C 138 7.91 18.20 21.11
CA ARG C 138 8.32 19.35 20.33
C ARG C 138 7.17 19.91 19.51
N ILE C 139 6.35 19.02 18.96
CA ILE C 139 5.22 19.41 18.13
C ILE C 139 3.98 19.75 18.96
N ALA C 140 3.51 18.80 19.74
CA ALA C 140 2.33 19.00 20.57
C ALA C 140 2.45 20.27 21.43
N ASN C 141 3.66 20.60 21.86
CA ASN C 141 3.87 21.80 22.65
C ASN C 141 3.33 22.96 21.83
N GLY C 142 3.96 23.19 20.69
CA GLY C 142 3.56 24.27 19.80
C GLY C 142 2.11 24.31 19.36
N ILE C 143 1.43 23.17 19.39
CA ILE C 143 0.04 23.16 19.01
C ILE C 143 -0.79 23.61 20.19
N SER C 144 -0.69 22.87 21.29
CA SER C 144 -1.45 23.19 22.49
C SER C 144 -0.95 24.43 23.24
N ALA C 145 -0.01 25.17 22.65
CA ALA C 145 0.49 26.37 23.31
C ALA C 145 -0.52 27.49 23.14
N GLY C 146 -0.77 28.24 24.21
CA GLY C 146 -1.75 29.31 24.14
C GLY C 146 -3.11 28.68 24.01
N LEU C 147 -3.27 27.52 24.63
CA LEU C 147 -4.50 26.76 24.59
C LEU C 147 -4.76 26.18 25.98
N GLU D 1 16.12 -16.26 -27.43
CA GLU D 1 15.22 -15.28 -28.11
C GLU D 1 13.90 -15.09 -27.38
N CYS D 2 12.92 -15.96 -27.66
CA CYS D 2 11.61 -15.89 -27.03
C CYS D 2 11.71 -15.59 -25.53
N CYS D 3 11.70 -14.32 -25.18
CA CYS D 3 11.78 -13.92 -23.78
C CYS D 3 13.14 -14.32 -23.26
N SER D 4 14.15 -13.49 -23.54
CA SER D 4 15.51 -13.74 -23.11
C SER D 4 15.80 -13.12 -21.76
N ARG D 5 17.00 -13.38 -21.25
CA ARG D 5 17.48 -12.88 -19.97
C ARG D 5 17.07 -11.43 -19.71
N GLY D 6 17.43 -10.54 -20.62
CA GLY D 6 17.10 -9.14 -20.44
C GLY D 6 15.61 -8.89 -20.50
N ASP D 7 14.90 -9.56 -21.39
CA ASP D 7 13.47 -9.37 -21.51
C ASP D 7 12.83 -9.65 -20.15
N ALA D 8 12.93 -10.91 -19.72
CA ALA D 8 12.41 -11.29 -18.43
C ALA D 8 12.85 -10.24 -17.40
N GLU D 9 14.16 -10.04 -17.29
CA GLU D 9 14.70 -9.08 -16.34
C GLU D 9 13.87 -7.83 -16.34
N VAL D 10 13.58 -7.31 -17.53
CA VAL D 10 12.78 -6.11 -17.70
C VAL D 10 11.34 -6.34 -17.25
N VAL D 11 10.76 -7.44 -17.71
CA VAL D 11 9.41 -7.76 -17.30
C VAL D 11 9.38 -7.85 -15.79
N ILE D 12 10.18 -8.76 -15.22
CA ILE D 12 10.23 -8.93 -13.78
C ILE D 12 10.50 -7.62 -13.09
N SER D 13 11.18 -6.72 -13.77
CA SER D 13 11.48 -5.41 -13.21
C SER D 13 10.15 -4.67 -13.18
N GLU D 14 9.65 -4.40 -14.37
CA GLU D 14 8.40 -3.68 -14.53
C GLU D 14 7.27 -4.29 -13.73
N TRP D 15 7.06 -5.59 -13.84
CA TRP D 15 6.00 -6.23 -13.07
C TRP D 15 6.06 -5.86 -11.62
N ASP D 16 7.28 -5.81 -11.09
CA ASP D 16 7.46 -5.43 -9.70
C ASP D 16 7.31 -3.93 -9.74
N GLN D 17 7.96 -3.31 -10.72
CA GLN D 17 7.92 -1.86 -10.90
C GLN D 17 6.50 -1.36 -10.72
N VAL D 18 5.55 -2.26 -10.90
CA VAL D 18 4.14 -1.97 -10.75
C VAL D 18 3.85 -2.29 -9.31
N PHE D 19 4.21 -3.49 -8.88
CA PHE D 19 4.01 -3.83 -7.49
C PHE D 19 5.32 -3.38 -6.81
N ASN D 20 5.45 -2.07 -6.64
CA ASN D 20 6.64 -1.47 -6.04
C ASN D 20 6.55 -1.17 -4.56
N ALA D 21 7.64 -0.60 -4.03
CA ALA D 21 7.73 -0.24 -2.62
C ALA D 21 6.85 0.96 -2.31
N ALA D 22 5.54 0.71 -2.28
CA ALA D 22 4.55 1.74 -2.01
C ALA D 22 3.17 1.17 -2.34
N MET D 23 3.14 0.14 -3.18
CA MET D 23 1.90 -0.48 -3.61
C MET D 23 1.70 -1.91 -3.08
N ALA D 24 2.21 -2.90 -3.81
CA ALA D 24 2.08 -4.31 -3.44
C ALA D 24 1.77 -4.53 -1.97
N GLY D 25 0.48 -4.49 -1.63
CA GLY D 25 0.08 -4.68 -0.25
C GLY D 25 -1.24 -3.99 0.04
N SER D 26 -2.14 -3.97 -0.94
CA SER D 26 -3.43 -3.33 -0.76
C SER D 26 -4.47 -3.73 -1.81
N SER D 27 -4.27 -3.28 -3.05
CA SER D 27 -5.21 -3.58 -4.12
C SER D 27 -4.67 -4.31 -5.36
N GLU D 28 -4.24 -5.57 -5.17
CA GLU D 28 -3.77 -6.40 -6.26
C GLU D 28 -5.09 -6.74 -6.90
N SER D 29 -6.13 -6.62 -6.09
CA SER D 29 -7.50 -6.92 -6.48
C SER D 29 -7.97 -5.91 -7.52
N ALA D 30 -7.65 -4.64 -7.29
CA ALA D 30 -8.02 -3.58 -8.22
C ALA D 30 -7.37 -3.95 -9.54
N VAL D 31 -6.08 -4.27 -9.48
CA VAL D 31 -5.35 -4.66 -10.68
C VAL D 31 -5.96 -5.95 -11.19
N GLY D 32 -6.20 -6.88 -10.28
CA GLY D 32 -6.75 -8.18 -10.61
C GLY D 32 -8.09 -8.22 -11.32
N VAL D 33 -9.06 -7.49 -10.79
CA VAL D 33 -10.35 -7.48 -11.44
C VAL D 33 -10.12 -6.83 -12.79
N ALA D 34 -9.42 -5.71 -12.78
CA ALA D 34 -9.10 -4.99 -14.02
C ALA D 34 -8.59 -5.98 -15.07
N ILE D 35 -7.93 -7.02 -14.59
CA ILE D 35 -7.37 -8.08 -15.41
C ILE D 35 -8.53 -8.91 -15.88
N PHE D 36 -9.28 -9.45 -14.94
CA PHE D 36 -10.39 -10.30 -15.29
C PHE D 36 -11.38 -9.64 -16.17
N ASP D 37 -11.55 -8.35 -16.05
CA ASP D 37 -12.49 -7.70 -16.91
C ASP D 37 -11.96 -7.67 -18.34
N ALA D 38 -10.70 -7.30 -18.51
CA ALA D 38 -10.13 -7.25 -19.85
C ALA D 38 -10.09 -8.66 -20.38
N PHE D 39 -10.09 -9.63 -19.48
CA PHE D 39 -10.06 -11.03 -19.90
C PHE D 39 -11.39 -11.32 -20.55
N PHE D 40 -12.41 -11.34 -19.71
CA PHE D 40 -13.77 -11.59 -20.13
C PHE D 40 -14.14 -10.92 -21.44
N ALA D 41 -13.55 -9.77 -21.74
CA ALA D 41 -13.88 -9.11 -23.00
C ALA D 41 -13.15 -9.73 -24.17
N SER D 42 -11.82 -9.79 -24.09
CA SER D 42 -11.08 -10.37 -25.21
C SER D 42 -11.41 -11.83 -25.42
N SER D 43 -11.26 -12.64 -24.38
CA SER D 43 -11.51 -14.07 -24.46
C SER D 43 -12.96 -14.43 -24.72
N GLY D 44 -13.87 -13.55 -24.33
CA GLY D 44 -15.26 -13.86 -24.52
C GLY D 44 -15.76 -14.82 -23.45
N VAL D 45 -14.85 -15.62 -22.89
CA VAL D 45 -15.21 -16.59 -21.84
C VAL D 45 -16.22 -16.03 -20.86
N SER D 46 -17.04 -16.92 -20.31
CA SER D 46 -18.08 -16.54 -19.35
C SER D 46 -17.63 -16.48 -17.90
N PRO D 47 -17.82 -15.32 -17.25
CA PRO D 47 -17.42 -15.21 -15.86
C PRO D 47 -18.22 -16.20 -15.02
N SER D 48 -19.35 -16.64 -15.56
CA SER D 48 -20.20 -17.59 -14.85
C SER D 48 -19.46 -18.92 -14.66
N MET D 49 -18.14 -18.88 -14.80
CA MET D 49 -17.32 -20.08 -14.69
C MET D 49 -16.30 -20.11 -13.54
N PHE D 50 -16.18 -19.00 -12.82
CA PHE D 50 -15.21 -18.94 -11.72
C PHE D 50 -15.83 -18.92 -10.34
N PRO D 51 -15.01 -19.16 -9.31
CA PRO D 51 -15.50 -19.15 -7.94
C PRO D 51 -16.21 -17.82 -7.76
N GLY D 52 -17.44 -17.87 -7.26
CA GLY D 52 -18.19 -16.64 -7.07
C GLY D 52 -18.79 -16.17 -8.38
N GLY D 53 -18.30 -16.72 -9.48
CA GLY D 53 -18.80 -16.34 -10.79
C GLY D 53 -18.62 -14.88 -11.15
N GLY D 54 -17.37 -14.43 -11.14
CA GLY D 54 -17.09 -13.04 -11.46
C GLY D 54 -17.49 -12.24 -10.25
N ASP D 55 -18.33 -11.22 -10.46
CA ASP D 55 -18.79 -10.41 -9.35
C ASP D 55 -17.61 -9.87 -8.56
N SER D 56 -17.07 -8.76 -9.02
CA SER D 56 -15.94 -8.11 -8.39
C SER D 56 -16.10 -7.90 -6.89
N ASN D 57 -17.32 -8.08 -6.37
CA ASN D 57 -17.52 -7.89 -4.94
C ASN D 57 -17.92 -9.18 -4.24
N ASN D 58 -17.66 -10.32 -4.87
CA ASN D 58 -17.97 -11.59 -4.25
C ASN D 58 -16.71 -12.06 -3.54
N PRO D 59 -16.76 -12.18 -2.19
CA PRO D 59 -15.61 -12.62 -1.39
C PRO D 59 -14.86 -13.81 -1.98
N GLU D 60 -15.58 -14.77 -2.56
CA GLU D 60 -14.94 -15.93 -3.16
C GLU D 60 -14.10 -15.52 -4.34
N PHE D 61 -14.73 -14.90 -5.36
CA PHE D 61 -14.07 -14.45 -6.58
C PHE D 61 -12.83 -13.62 -6.35
N LEU D 62 -12.84 -12.81 -5.30
CA LEU D 62 -11.67 -12.00 -4.99
C LEU D 62 -10.56 -12.98 -4.73
N ALA D 63 -10.74 -13.81 -3.72
CA ALA D 63 -9.74 -14.81 -3.37
C ALA D 63 -9.24 -15.46 -4.65
N GLN D 64 -10.19 -15.76 -5.55
CA GLN D 64 -9.89 -16.38 -6.82
C GLN D 64 -8.88 -15.53 -7.54
N VAL D 65 -9.29 -14.30 -7.87
CA VAL D 65 -8.41 -13.34 -8.55
C VAL D 65 -7.01 -13.31 -7.93
N SER D 66 -6.95 -13.13 -6.61
CA SER D 66 -5.67 -13.10 -5.90
C SER D 66 -4.92 -14.35 -6.30
N ARG D 67 -5.55 -15.50 -6.09
CA ARG D 67 -4.89 -16.74 -6.44
C ARG D 67 -4.35 -16.75 -7.89
N VAL D 68 -5.08 -16.15 -8.84
CA VAL D 68 -4.62 -16.11 -10.24
C VAL D 68 -3.44 -15.16 -10.38
N VAL D 69 -3.62 -13.93 -9.96
CA VAL D 69 -2.52 -12.98 -10.04
C VAL D 69 -1.26 -13.59 -9.45
N SER D 70 -1.35 -14.17 -8.25
CA SER D 70 -0.16 -14.73 -7.62
C SER D 70 0.47 -15.81 -8.51
N GLY D 71 -0.35 -16.65 -9.12
CA GLY D 71 0.23 -17.65 -9.98
C GLY D 71 1.11 -16.96 -11.01
N ALA D 72 0.51 -15.99 -11.69
CA ALA D 72 1.22 -15.24 -12.70
C ALA D 72 2.46 -14.59 -12.10
N ASP D 73 2.38 -14.19 -10.83
CA ASP D 73 3.51 -13.57 -10.18
C ASP D 73 4.62 -14.59 -9.94
N ILE D 74 4.26 -15.77 -9.48
CA ILE D 74 5.25 -16.79 -9.23
C ILE D 74 6.02 -17.03 -10.52
N ALA D 75 5.29 -17.16 -11.62
CA ALA D 75 5.93 -17.42 -12.89
C ALA D 75 6.77 -16.24 -13.40
N ILE D 76 6.13 -15.09 -13.56
CA ILE D 76 6.83 -13.91 -14.01
C ILE D 76 8.14 -13.80 -13.26
N ASN D 77 8.06 -13.72 -11.94
CA ASN D 77 9.22 -13.57 -11.08
C ASN D 77 10.31 -14.60 -11.22
N SER D 78 10.05 -15.67 -11.96
CA SER D 78 11.06 -16.70 -12.12
C SER D 78 11.28 -17.05 -13.60
N LEU D 79 11.29 -16.04 -14.47
CA LEU D 79 11.48 -16.29 -15.87
C LEU D 79 12.96 -16.43 -16.19
N THR D 80 13.79 -15.71 -15.43
CA THR D 80 15.23 -15.74 -15.63
C THR D 80 15.80 -17.14 -15.56
N ASN D 81 15.22 -17.97 -14.69
CA ASN D 81 15.67 -19.36 -14.55
C ASN D 81 14.76 -20.28 -15.34
N ARG D 82 15.24 -20.70 -16.51
CA ARG D 82 14.51 -21.56 -17.42
C ARG D 82 13.94 -22.82 -16.78
N ALA D 83 14.84 -23.68 -16.32
CA ALA D 83 14.52 -24.96 -15.70
C ALA D 83 13.32 -24.98 -14.79
N THR D 84 13.37 -24.14 -13.77
CA THR D 84 12.27 -24.09 -12.82
C THR D 84 11.04 -23.38 -13.35
N CYS D 85 11.17 -22.64 -14.43
CA CYS D 85 9.99 -21.97 -14.97
C CYS D 85 9.14 -23.06 -15.65
N ASP D 86 9.77 -23.84 -16.52
CA ASP D 86 9.10 -24.91 -17.23
C ASP D 86 8.25 -25.71 -16.23
N SER D 87 8.86 -26.06 -15.10
CA SER D 87 8.17 -26.81 -14.07
C SER D 87 6.92 -26.06 -13.62
N LEU D 88 7.12 -24.93 -12.95
CA LEU D 88 6.06 -24.08 -12.45
C LEU D 88 4.89 -23.96 -13.38
N LEU D 89 5.19 -23.87 -14.67
CA LEU D 89 4.14 -23.76 -15.66
C LEU D 89 3.47 -25.12 -15.80
N SER D 90 4.27 -26.15 -16.07
CA SER D 90 3.75 -27.51 -16.21
C SER D 90 2.70 -27.81 -15.12
N HIS D 91 3.07 -27.54 -13.87
CA HIS D 91 2.14 -27.76 -12.76
C HIS D 91 0.85 -26.96 -13.00
N LEU D 92 0.98 -25.71 -13.38
CA LEU D 92 -0.19 -24.88 -13.65
C LEU D 92 -1.00 -25.59 -14.72
N ASN D 93 -0.28 -26.09 -15.71
CA ASN D 93 -0.93 -26.79 -16.79
C ASN D 93 -1.88 -27.79 -16.15
N ALA D 94 -1.31 -28.84 -15.56
CA ALA D 94 -2.07 -29.91 -14.90
C ALA D 94 -3.31 -29.44 -14.16
N GLN D 95 -3.19 -28.31 -13.48
CA GLN D 95 -4.33 -27.79 -12.73
C GLN D 95 -5.46 -27.44 -13.68
N HIS D 96 -5.11 -26.89 -14.84
CA HIS D 96 -6.12 -26.51 -15.81
C HIS D 96 -6.55 -27.66 -16.70
N ARG D 97 -5.65 -28.60 -16.97
CA ARG D 97 -6.04 -29.75 -17.78
C ARG D 97 -7.29 -30.31 -17.12
N ALA D 98 -7.26 -30.29 -15.79
CA ALA D 98 -8.33 -30.80 -14.95
C ALA D 98 -9.63 -30.01 -14.92
N ILE D 99 -9.83 -29.10 -15.86
CA ILE D 99 -11.06 -28.30 -15.86
C ILE D 99 -11.63 -28.12 -17.26
N SER D 100 -12.87 -28.57 -17.46
CA SER D 100 -13.51 -28.44 -18.76
C SER D 100 -13.92 -26.98 -18.97
N GLY D 101 -13.37 -26.35 -20.00
CA GLY D 101 -13.68 -24.96 -20.28
C GLY D 101 -12.47 -24.14 -20.64
N VAL D 102 -11.29 -24.71 -20.44
CA VAL D 102 -10.04 -24.02 -20.74
C VAL D 102 -9.55 -24.37 -22.14
N THR D 103 -9.16 -23.35 -22.88
CA THR D 103 -8.69 -23.53 -24.25
C THR D 103 -7.31 -22.93 -24.39
N GLY D 104 -6.59 -23.36 -25.43
CA GLY D 104 -5.26 -22.81 -25.63
C GLY D 104 -5.38 -21.33 -25.96
N ALA D 105 -6.27 -21.03 -26.89
CA ALA D 105 -6.50 -19.66 -27.33
C ALA D 105 -7.02 -18.77 -26.21
N ALA D 106 -7.53 -19.40 -25.17
CA ALA D 106 -8.07 -18.66 -24.05
C ALA D 106 -7.00 -18.32 -23.03
N VAL D 107 -6.06 -19.23 -22.82
CA VAL D 107 -5.05 -18.93 -21.84
C VAL D 107 -4.33 -17.70 -22.34
N THR D 108 -3.87 -17.74 -23.59
CA THR D 108 -3.16 -16.58 -24.15
C THR D 108 -3.98 -15.31 -23.95
N HIS D 109 -5.30 -15.43 -24.09
CA HIS D 109 -6.18 -14.28 -23.90
C HIS D 109 -5.94 -13.69 -22.53
N LEU D 110 -6.07 -14.52 -21.49
CA LEU D 110 -5.87 -14.09 -20.09
C LEU D 110 -4.44 -13.66 -19.89
N SER D 111 -3.51 -14.31 -20.59
CA SER D 111 -2.12 -13.97 -20.45
C SER D 111 -1.89 -12.60 -21.06
N GLN D 112 -2.47 -12.34 -22.23
CA GLN D 112 -2.30 -11.03 -22.85
C GLN D 112 -2.95 -9.93 -22.02
N ALA D 113 -4.01 -10.28 -21.31
CA ALA D 113 -4.72 -9.30 -20.49
C ALA D 113 -3.83 -8.79 -19.37
N ILE D 114 -2.97 -9.65 -18.84
CA ILE D 114 -2.09 -9.22 -17.77
C ILE D 114 -1.19 -8.11 -18.31
N SER D 115 -0.41 -8.46 -19.33
CA SER D 115 0.49 -7.52 -19.96
C SER D 115 -0.17 -6.15 -20.15
N SER D 116 -1.33 -6.17 -20.78
CA SER D 116 -2.09 -4.96 -21.06
C SER D 116 -2.35 -4.10 -19.81
N VAL D 117 -3.04 -4.67 -18.84
CA VAL D 117 -3.33 -3.95 -17.61
C VAL D 117 -2.04 -3.49 -17.00
N VAL D 118 -1.00 -4.28 -17.16
CA VAL D 118 0.27 -3.91 -16.58
C VAL D 118 0.66 -2.61 -17.21
N ALA D 119 0.49 -2.51 -18.54
CA ALA D 119 0.86 -1.29 -19.24
C ALA D 119 -0.09 -0.11 -18.98
N GLN D 120 -1.36 -0.36 -18.71
CA GLN D 120 -2.23 0.76 -18.43
C GLN D 120 -1.71 1.37 -17.15
N VAL D 121 -1.36 0.50 -16.21
CA VAL D 121 -0.89 0.95 -14.92
C VAL D 121 0.49 1.54 -14.95
N LEU D 122 1.38 0.90 -15.69
CA LEU D 122 2.75 1.38 -15.79
C LEU D 122 3.03 1.61 -17.25
N PRO D 123 2.74 2.83 -17.74
CA PRO D 123 2.90 3.35 -19.10
C PRO D 123 4.22 3.02 -19.79
N SER D 124 5.29 2.88 -19.01
CA SER D 124 6.62 2.54 -19.53
C SER D 124 6.69 1.10 -20.04
N ALA D 125 6.03 0.20 -19.31
CA ALA D 125 5.98 -1.23 -19.62
C ALA D 125 6.42 -1.60 -21.03
N HIS D 126 7.60 -2.20 -21.14
CA HIS D 126 8.13 -2.60 -22.42
C HIS D 126 7.22 -3.67 -23.04
N ILE D 127 6.14 -3.22 -23.64
CA ILE D 127 5.17 -4.14 -24.22
C ILE D 127 5.68 -5.16 -25.21
N ASP D 128 6.88 -4.99 -25.74
CA ASP D 128 7.35 -5.97 -26.70
C ASP D 128 7.83 -7.18 -25.92
N ALA D 129 8.53 -6.93 -24.81
CA ALA D 129 9.04 -8.01 -23.98
C ALA D 129 7.91 -8.70 -23.24
N TRP D 130 7.01 -7.91 -22.68
CA TRP D 130 5.90 -8.49 -21.95
C TRP D 130 5.19 -9.52 -22.80
N GLU D 131 4.85 -9.18 -24.03
CA GLU D 131 4.15 -10.12 -24.87
C GLU D 131 5.06 -11.27 -25.22
N TYR D 132 6.35 -10.98 -25.43
CA TYR D 132 7.29 -12.04 -25.76
C TYR D 132 7.30 -13.11 -24.70
N CYS D 133 7.36 -12.70 -23.43
CA CYS D 133 7.39 -13.57 -22.25
C CYS D 133 6.04 -14.11 -21.86
N MET D 134 5.05 -13.25 -21.74
CA MET D 134 3.72 -13.74 -21.39
C MET D 134 3.30 -14.80 -22.42
N ALA D 135 3.83 -14.71 -23.63
CA ALA D 135 3.51 -15.65 -24.69
C ALA D 135 4.07 -17.01 -24.32
N TYR D 136 5.24 -16.99 -23.71
CA TYR D 136 5.92 -18.20 -23.27
C TYR D 136 5.14 -18.81 -22.12
N ILE D 137 4.82 -17.99 -21.14
CA ILE D 137 4.05 -18.43 -19.99
C ILE D 137 2.75 -19.04 -20.50
N ALA D 138 2.20 -18.46 -21.56
CA ALA D 138 0.94 -18.93 -22.13
C ALA D 138 1.05 -20.35 -22.60
N ALA D 139 2.24 -20.73 -23.03
CA ALA D 139 2.48 -22.08 -23.51
C ALA D 139 2.46 -23.11 -22.37
N GLY D 140 3.34 -22.92 -21.40
CA GLY D 140 3.39 -23.86 -20.28
C GLY D 140 2.06 -24.14 -19.62
N ILE D 141 1.20 -23.12 -19.55
CA ILE D 141 -0.10 -23.29 -18.91
C ILE D 141 -1.11 -23.95 -19.84
N GLY D 142 -1.11 -23.55 -21.10
CA GLY D 142 -2.05 -24.11 -22.05
C GLY D 142 -1.50 -25.25 -22.89
N ALA D 143 -0.48 -25.91 -22.38
CA ALA D 143 0.13 -27.03 -23.09
C ALA D 143 -0.89 -28.12 -23.35
N GLY D 144 -1.32 -28.23 -24.60
CA GLY D 144 -2.27 -29.26 -24.96
C GLY D 144 -3.72 -29.01 -24.65
N LEU D 145 -4.06 -27.84 -24.13
CA LEU D 145 -5.46 -27.58 -23.85
C LEU D 145 -6.20 -27.11 -25.09
CHA HEM E . 1.01 -28.23 -1.14
CHB HEM E . 1.11 -23.80 0.78
CHC HEM E . 1.56 -25.77 5.20
CHD HEM E . 2.32 -30.08 3.18
C1A HEM E . 0.86 -26.85 -1.01
C2A HEM E . 0.54 -25.90 -2.08
C3A HEM E . 0.40 -24.68 -1.47
C4A HEM E . 0.85 -24.84 -0.11
CMA HEM E . -0.13 -23.40 -2.06
CAA HEM E . 0.41 -26.23 -3.54
CBA HEM E . -1.04 -26.44 -3.93
CGA HEM E . -1.37 -26.29 -5.40
O1A HEM E . -0.94 -25.27 -6.02
O2A HEM E . -2.06 -27.21 -5.95
C1B HEM E . 1.19 -23.92 2.16
C2B HEM E . 1.11 -22.83 3.13
C3B HEM E . 1.47 -23.36 4.33
C4B HEM E . 1.47 -24.81 4.17
CMB HEM E . 0.71 -21.40 2.83
CAB HEM E . 1.82 -22.68 5.60
CBB HEM E . 1.04 -22.44 6.64
C1C HEM E . 2.00 -27.07 5.05
C2C HEM E . 2.59 -27.90 6.09
C3C HEM E . 2.85 -29.12 5.51
C4C HEM E . 2.36 -29.04 4.11
CMC HEM E . 2.85 -27.43 7.50
CAC HEM E . 3.46 -30.34 6.12
CBC HEM E . 4.64 -30.43 6.73
C1D HEM E . 2.00 -29.98 1.81
C2D HEM E . 2.02 -31.09 0.86
C3D HEM E . 1.60 -30.58 -0.35
C4D HEM E . 1.40 -29.15 -0.16
CMD HEM E . 2.43 -32.51 1.20
CAD HEM E . 1.36 -31.33 -1.62
CBD HEM E . 2.53 -31.22 -2.62
CGD HEM E . 2.72 -32.58 -3.31
O1D HEM E . 2.14 -32.80 -4.42
O2D HEM E . 3.48 -33.43 -2.70
NA HEM E . 1.00 -26.18 0.17
NB HEM E . 1.37 -25.11 2.83
NC HEM E . 1.95 -27.77 3.87
ND HEM E . 1.62 -28.83 1.15
FE HEM E . 1.39 -27.02 1.99
O1 OXY F . 3.15 -27.01 1.63
O2 OXY F . 3.97 -26.49 2.40
HG MMC G . 10.32 -27.67 -1.71
C MMC G . 8.49 -29.51 -1.12
CHA HEM H . -5.99 27.01 1.90
CHB HEM H . -5.73 22.62 -0.13
CHC HEM H . -6.41 24.59 -4.51
CHD HEM H . -6.20 28.97 -2.53
C1A HEM H . -5.76 25.65 1.74
C2A HEM H . -5.38 24.70 2.79
C3A HEM H . -5.19 23.48 2.19
C4A HEM H . -5.58 23.65 0.79
CMA HEM H . -4.69 22.21 2.79
CAA HEM H . -5.22 25.03 4.25
CBA HEM H . -6.54 24.97 5.00
CGA HEM H . -6.47 25.30 6.48
O1A HEM H . -5.54 24.79 7.17
O2A HEM H . -7.36 26.08 6.97
C1B HEM H . -5.82 22.77 -1.50
C2B HEM H . -5.63 21.73 -2.47
C3B HEM H . -6.20 22.21 -3.62
C4B HEM H . -6.25 23.64 -3.48
CMB HEM H . -4.90 20.44 -2.22
CAB HEM H . -6.72 21.48 -4.80
CBB HEM H . -6.06 20.69 -5.61
C1C HEM H . -6.55 25.98 -4.37
C2C HEM H . -6.86 26.95 -5.41
C3C HEM H . -6.68 28.19 -4.87
C4C HEM H . -6.41 27.98 -3.45
CMC HEM H . -7.32 26.59 -6.80
CAC HEM H . -6.73 29.53 -5.51
CBC HEM H . -6.02 29.96 -6.55
C1D HEM H . -6.19 28.85 -1.14
C2D HEM H . -6.27 29.94 -0.21
C3D HEM H . -6.08 29.40 1.04
C4D HEM H . -6.06 27.96 0.89
CMD HEM H . -6.53 31.38 -0.57
CAD HEM H . -5.96 30.18 2.31
CBD HEM H . -4.53 30.67 2.58
CGD HEM H . -4.22 30.39 4.07
O1D HEM H . -3.61 29.30 4.39
O2D HEM H . -4.63 31.28 4.90
NA HEM H . -5.82 24.97 0.54
NB HEM H . -6.08 23.94 -2.15
NC HEM H . -6.41 26.65 -3.18
ND HEM H . -6.14 27.66 -0.45
FE HEM H . -6.22 25.79 -1.28
O1 OXY I . -4.46 26.12 -1.49
O2 OXY I . -3.53 26.92 -1.66
HG MMC J . -8.02 16.38 0.02
C MMC J . -7.58 18.36 -1.71
CHA HEM K . -8.94 19.31 14.44
CHB HEM K . -4.47 17.50 14.16
CHC HEM K . -4.42 16.92 18.96
CHD HEM K . -9.14 17.95 19.07
C1A HEM K . -7.72 18.91 13.91
C2A HEM K . -7.34 18.91 12.50
C3A HEM K . -6.02 18.55 12.45
C4A HEM K . -5.66 18.14 13.80
CMA HEM K . -5.09 18.57 11.26
CAA HEM K . -8.27 19.19 11.32
CBA HEM K . -8.11 20.62 10.82
CGA HEM K . -9.39 21.41 10.59
O1A HEM K . -9.85 21.49 9.43
O2A HEM K . -9.95 21.93 11.60
C1B HEM K . -3.98 17.37 15.45
C2B HEM K . -2.59 17.13 15.82
C3B HEM K . -2.65 16.70 17.12
C4B HEM K . -3.98 17.03 17.63
CMB HEM K . -1.40 17.32 14.93
CAB HEM K . -1.62 16.02 17.92
CBB HEM K . -0.64 16.58 18.60
C1C HEM K . -5.71 17.09 19.43
C2C HEM K . -6.16 16.82 20.80
C3C HEM K . -7.51 17.08 20.83
C4C HEM K . -7.87 17.55 19.48
CMC HEM K . -5.25 16.38 21.93
CAC HEM K . -8.47 16.99 21.98
CBC HEM K . -8.87 15.90 22.63
C1D HEM K . -9.54 18.31 17.79
C2D HEM K . -10.90 18.59 17.39
C3D HEM K . -10.86 18.84 16.04
C4D HEM K . -9.47 18.89 15.67
CMD HEM K . -12.09 18.61 18.31
CAD HEM K . -12.02 19.09 15.13
CBD HEM K . -12.90 17.87 14.83
CGD HEM K . -14.24 18.40 14.40
O1D HEM K . -15.16 18.49 15.27
O2D HEM K . -14.36 18.73 13.18
NA HEM K . -6.68 18.42 14.66
NB HEM K . -4.76 17.45 16.59
NC HEM K . -6.76 17.54 18.70
ND HEM K . -8.71 18.45 16.72
FE HEM K . -6.70 18.09 16.69
O1 OXY L . -6.67 16.32 16.39
O2 OXY L . -7.78 15.93 16.04
HG MMC M . -11.31 10.02 14.13
C MMC M . -11.92 11.43 16.31
CHA HEM N . -7.45 -21.80 -10.99
CHB HEM N . -3.54 -19.66 -12.90
CHC HEM N . -5.85 -19.01 -17.07
CHD HEM N . -9.90 -20.81 -15.08
C1A HEM N . -6.18 -21.24 -11.11
C2A HEM N . -5.17 -21.12 -10.03
C3A HEM N . -4.11 -20.44 -10.57
C4A HEM N . -4.41 -20.25 -11.98
CMA HEM N . -2.85 -19.95 -9.87
CAA HEM N . -5.32 -21.61 -8.62
CBA HEM N . -4.66 -22.96 -8.41
CGA HEM N . -5.27 -23.81 -7.31
O1A HEM N . -4.61 -23.96 -6.24
O2A HEM N . -6.42 -24.32 -7.53
C1B HEM N . -3.91 -19.10 -14.10
C2B HEM N . -3.18 -18.08 -14.84
C3B HEM N . -3.60 -18.23 -16.13
C4B HEM N . -4.90 -18.91 -16.05
CMB HEM N . -2.20 -17.11 -14.24
CAB HEM N . -2.93 -17.86 -17.40
CBB HEM N . -2.34 -16.71 -17.70
C1C HEM N . -7.14 -19.54 -16.97
C2C HEM N . -8.15 -19.56 -18.03
C3C HEM N . -9.32 -20.00 -17.46
C4C HEM N . -9.00 -20.33 -16.05
CMC HEM N . -7.86 -19.17 -19.48
CAC HEM N . -10.65 -20.18 -18.10
CBC HEM N . -11.37 -19.27 -18.75
C1D HEM N . -9.61 -21.32 -13.80
C2D HEM N . -10.56 -21.99 -12.91
C3D HEM N . -9.83 -22.35 -11.77
C4D HEM N . -8.48 -21.80 -11.94
CMD HEM N . -12.02 -22.22 -13.17
CAD HEM N . -10.33 -23.18 -10.61
CBD HEM N . -11.20 -22.38 -9.60
CGD HEM N . -10.72 -22.63 -8.15
O1D HEM N . -9.50 -22.40 -7.85
O2D HEM N . -11.59 -23.05 -7.32
NA HEM N . -5.67 -20.69 -12.26
NB HEM N . -5.04 -19.43 -14.80
NC HEM N . -7.68 -20.09 -15.83
ND HEM N . -8.37 -21.26 -13.20
FE HEM N . -6.67 -20.50 -14.06
O1 OXY O . -7.64 -19.15 -13.37
O2 OXY O . -8.08 -18.68 -12.31
HG MMC P . 10.53 -19.06 -18.75
C MMC P . 11.94 -17.00 -19.65
#